data_1YXO
#
_entry.id   1YXO
#
_cell.length_a   54.259
_cell.length_b   59.307
_cell.length_c   199.111
_cell.angle_alpha   90.00
_cell.angle_beta   90.00
_cell.angle_gamma   90.00
#
_symmetry.space_group_name_H-M   'P 21 21 21'
#
loop_
_entity.id
_entity.type
_entity.pdbx_description
1 polymer '4-hydroxythreonine-4-phosphate dehydrogenase 1'
2 non-polymer 'MAGNESIUM ION'
3 non-polymer ETHANOL
4 water water
#
_entity_poly.entity_id   1
_entity_poly.type   'polypeptide(L)'
_entity_poly.pdbx_seq_one_letter_code
;(MSE)SLRFALTPGEPAGIGPDLCLLLARSAQPHPLIAIASRTLLQERAGQLGLAIDLKDVSPAAWPERPAKAGQLYVWD
TPLAAPVRPGQLDRANAAYVLETLTRAGQGCLDGHFAG(MSE)ITAPVHKGVINEAGIPFSGHTEFLADLTHTAQVV
(MSE)(MSE)LATRGLRVALATTHLPLREVADAISDERLTRVARILHADLRDKFGIAHPRILVCGLNPHAGEGGHLGREE
IEVIEPCLERLRGEGLDLIGPLPADTLFTPKHLEHCDAVLA(MSE)YHDQGLPVLKYKGFGAAVNVTLGLPIIRTSVDHG
TALDLAGSGRIDSGSLQVALETAYQ(MSE)AASRC
;
_entity_poly.pdbx_strand_id   A,B
#
loop_
_chem_comp.id
_chem_comp.type
_chem_comp.name
_chem_comp.formula
EOH non-polymer ETHANOL 'C2 H6 O'
MG non-polymer 'MAGNESIUM ION' 'Mg 2'
#
# COMPACT_ATOMS: atom_id res chain seq x y z
N MSE A 1 -18.57 16.87 33.26
CA MSE A 1 -17.91 15.55 33.17
C MSE A 1 -18.67 14.66 32.19
O MSE A 1 -18.09 13.81 31.53
CB MSE A 1 -17.87 14.88 34.56
CG MSE A 1 -17.00 13.63 34.63
SE MSE A 1 -15.10 14.02 34.78
CE MSE A 1 -14.64 12.75 36.17
N SER A 2 -19.99 14.86 32.13
CA SER A 2 -20.86 14.08 31.25
C SER A 2 -20.53 14.33 29.78
N LEU A 3 -20.40 13.25 29.03
CA LEU A 3 -20.05 13.35 27.62
C LEU A 3 -21.16 12.88 26.69
N ARG A 4 -21.60 13.76 25.80
CA ARG A 4 -22.64 13.46 24.82
C ARG A 4 -21.97 13.41 23.44
N PHE A 5 -22.39 12.46 22.61
CA PHE A 5 -21.81 12.34 21.27
C PHE A 5 -22.89 12.40 20.21
N ALA A 6 -22.64 13.17 19.15
CA ALA A 6 -23.60 13.29 18.07
C ALA A 6 -23.31 12.21 17.03
N LEU A 7 -24.36 11.61 16.50
CA LEU A 7 -24.24 10.56 15.48
C LEU A 7 -25.06 10.98 14.28
N THR A 8 -24.45 11.02 13.09
CA THR A 8 -25.19 11.38 11.89
C THR A 8 -25.27 10.21 10.91
N PRO A 9 -26.47 9.66 10.72
CA PRO A 9 -26.70 8.55 9.78
C PRO A 9 -26.31 8.92 8.35
N GLY A 10 -26.23 10.21 8.06
CA GLY A 10 -25.84 10.64 6.73
C GLY A 10 -26.87 10.48 5.62
N GLU A 11 -26.41 10.08 4.44
CA GLU A 11 -27.29 9.89 3.28
C GLU A 11 -28.48 9.01 3.66
N PRO A 12 -29.69 9.58 3.66
CA PRO A 12 -30.91 8.84 4.03
C PRO A 12 -31.18 7.56 3.22
N ALA A 13 -30.87 7.59 1.93
CA ALA A 13 -31.10 6.44 1.07
C ALA A 13 -30.02 5.37 1.21
N GLY A 14 -28.94 5.70 1.91
CA GLY A 14 -27.84 4.77 2.10
C GLY A 14 -27.99 3.89 3.32
N ILE A 15 -26.93 3.16 3.67
CA ILE A 15 -26.98 2.27 4.82
C ILE A 15 -26.64 2.92 6.15
N GLY A 16 -26.40 4.24 6.12
CA GLY A 16 -26.08 4.95 7.35
C GLY A 16 -27.16 4.75 8.41
N PRO A 17 -28.43 5.01 8.07
CA PRO A 17 -29.53 4.83 9.03
C PRO A 17 -29.57 3.39 9.57
N ASP A 18 -29.34 2.43 8.68
CA ASP A 18 -29.34 1.01 9.00
C ASP A 18 -28.31 0.70 10.08
N LEU A 19 -27.09 1.17 9.86
CA LEU A 19 -25.97 0.95 10.77
C LEU A 19 -26.21 1.55 12.15
N CYS A 20 -26.78 2.74 12.19
CA CYS A 20 -27.05 3.40 13.45
C CYS A 20 -28.13 2.63 14.23
N LEU A 21 -29.10 2.08 13.50
CA LEU A 21 -30.17 1.31 14.12
C LEU A 21 -29.65 -0.01 14.68
N LEU A 22 -28.77 -0.68 13.92
CA LEU A 22 -28.20 -1.95 14.35
C LEU A 22 -27.36 -1.79 15.62
N LEU A 23 -26.52 -0.75 15.65
CA LEU A 23 -25.69 -0.50 16.83
C LEU A 23 -26.49 -0.07 18.04
N ALA A 24 -27.72 0.40 17.80
CA ALA A 24 -28.60 0.84 18.88
C ALA A 24 -29.11 -0.35 19.71
N ARG A 25 -28.85 -1.56 19.23
CA ARG A 25 -29.29 -2.75 19.94
C ARG A 25 -28.51 -2.94 21.24
N SER A 26 -27.35 -2.29 21.32
CA SER A 26 -26.52 -2.38 22.51
C SER A 26 -26.52 -1.02 23.21
N ALA A 27 -26.50 -1.03 24.54
CA ALA A 27 -26.46 0.20 25.29
C ALA A 27 -25.05 0.77 25.15
N GLN A 28 -24.96 2.08 24.92
CA GLN A 28 -23.66 2.74 24.78
C GLN A 28 -23.14 3.22 26.13
N PRO A 29 -21.82 3.47 26.24
CA PRO A 29 -21.22 3.93 27.49
C PRO A 29 -21.48 5.43 27.72
N HIS A 30 -21.99 6.11 26.70
CA HIS A 30 -22.30 7.52 26.79
C HIS A 30 -23.53 7.81 25.95
N PRO A 31 -24.28 8.87 26.29
CA PRO A 31 -25.47 9.15 25.49
C PRO A 31 -25.04 9.44 24.04
N LEU A 32 -25.67 8.74 23.10
CA LEU A 32 -25.37 8.88 21.68
C LEU A 32 -26.63 9.43 21.02
N ILE A 33 -26.54 10.65 20.51
CA ILE A 33 -27.66 11.33 19.90
C ILE A 33 -27.66 11.34 18.39
N ALA A 34 -28.60 10.59 17.80
CA ALA A 34 -28.72 10.53 16.36
C ALA A 34 -29.39 11.81 15.89
N ILE A 35 -28.74 12.51 14.96
CA ILE A 35 -29.31 13.73 14.42
C ILE A 35 -29.78 13.36 13.03
N ALA A 36 -31.09 13.13 12.91
CA ALA A 36 -31.69 12.72 11.65
C ALA A 36 -33.22 12.77 11.75
N SER A 37 -33.87 12.37 10.67
CA SER A 37 -35.33 12.34 10.62
C SER A 37 -35.84 11.16 11.45
N ARG A 38 -36.71 11.42 12.40
CA ARG A 38 -37.27 10.37 13.24
C ARG A 38 -38.08 9.38 12.39
N THR A 39 -38.87 9.91 11.46
CA THR A 39 -39.68 9.08 10.58
C THR A 39 -38.81 8.19 9.72
N LEU A 40 -37.71 8.76 9.21
CA LEU A 40 -36.78 7.99 8.38
C LEU A 40 -36.31 6.77 9.15
N LEU A 41 -35.88 6.99 10.39
CA LEU A 41 -35.37 5.90 11.22
C LEU A 41 -36.42 4.86 11.58
N GLN A 42 -37.63 5.31 11.87
CA GLN A 42 -38.71 4.40 12.23
C GLN A 42 -39.05 3.52 11.01
N GLU A 43 -39.12 4.14 9.83
CA GLU A 43 -39.43 3.39 8.61
C GLU A 43 -38.32 2.40 8.24
N ARG A 44 -37.07 2.83 8.33
CA ARG A 44 -35.94 1.96 7.99
C ARG A 44 -35.92 0.80 8.98
N ALA A 45 -36.29 1.07 10.22
CA ALA A 45 -36.32 0.06 11.27
C ALA A 45 -37.34 -1.02 10.88
N GLY A 46 -38.53 -0.59 10.46
CA GLY A 46 -39.54 -1.54 10.04
C GLY A 46 -39.04 -2.32 8.84
N GLN A 47 -38.46 -1.60 7.87
CA GLN A 47 -37.91 -2.22 6.67
C GLN A 47 -36.91 -3.33 7.02
N LEU A 48 -36.09 -3.09 8.04
CA LEU A 48 -35.08 -4.06 8.46
C LEU A 48 -35.61 -5.13 9.41
N GLY A 49 -36.83 -4.94 9.91
CA GLY A 49 -37.40 -5.91 10.83
C GLY A 49 -36.72 -5.79 12.18
N LEU A 50 -36.34 -4.57 12.54
CA LEU A 50 -35.68 -4.29 13.81
C LEU A 50 -36.62 -3.57 14.78
N ALA A 51 -36.50 -3.89 16.07
CA ALA A 51 -37.33 -3.28 17.10
C ALA A 51 -36.49 -2.27 17.86
N ILE A 52 -36.54 -1.01 17.44
CA ILE A 52 -35.78 0.03 18.09
C ILE A 52 -36.71 1.15 18.56
N ASP A 53 -36.61 1.53 19.82
CA ASP A 53 -37.42 2.61 20.36
C ASP A 53 -36.69 3.93 20.16
N LEU A 54 -37.31 4.85 19.44
CA LEU A 54 -36.72 6.15 19.16
C LEU A 54 -37.15 7.16 20.23
N LYS A 55 -36.20 7.60 21.04
CA LYS A 55 -36.50 8.55 22.09
C LYS A 55 -36.12 9.96 21.68
N ASP A 56 -37.12 10.84 21.61
CA ASP A 56 -36.90 12.22 21.23
C ASP A 56 -35.94 12.96 22.14
N VAL A 57 -35.12 13.81 21.54
CA VAL A 57 -34.16 14.62 22.28
C VAL A 57 -34.42 16.08 21.95
N SER A 58 -34.43 16.93 22.97
CA SER A 58 -34.63 18.35 22.78
C SER A 58 -33.36 19.09 23.18
N PRO A 59 -32.95 20.10 22.40
CA PRO A 59 -31.74 20.85 22.74
C PRO A 59 -31.92 21.60 24.07
N ALA A 60 -33.13 21.55 24.61
CA ALA A 60 -33.42 22.19 25.87
C ALA A 60 -32.99 21.28 27.02
N ALA A 61 -32.73 20.02 26.71
CA ALA A 61 -32.30 19.06 27.73
C ALA A 61 -31.55 17.87 27.14
N TRP A 62 -30.25 18.04 26.92
CA TRP A 62 -29.44 16.95 26.36
C TRP A 62 -29.36 15.86 27.42
N PRO A 63 -29.78 14.63 27.06
CA PRO A 63 -29.74 13.51 28.00
C PRO A 63 -28.35 13.31 28.61
N GLU A 64 -28.34 13.04 29.92
CA GLU A 64 -27.09 12.83 30.65
C GLU A 64 -26.68 11.36 30.64
N ARG A 65 -27.67 10.47 30.67
CA ARG A 65 -27.37 9.04 30.66
C ARG A 65 -27.65 8.41 29.30
N PRO A 66 -26.97 7.28 28.99
CA PRO A 66 -27.13 6.55 27.73
C PRO A 66 -28.53 5.96 27.59
N ALA A 67 -28.99 5.81 26.36
CA ALA A 67 -30.29 5.22 26.11
C ALA A 67 -30.17 3.73 26.42
N LYS A 68 -31.30 3.06 26.57
CA LYS A 68 -31.29 1.64 26.87
C LYS A 68 -30.95 0.81 25.63
N ALA A 69 -30.51 -0.42 25.84
CA ALA A 69 -30.21 -1.31 24.74
C ALA A 69 -31.54 -1.39 23.98
N GLY A 70 -31.48 -1.31 22.65
CA GLY A 70 -32.70 -1.35 21.87
C GLY A 70 -33.38 0.00 21.73
N GLN A 71 -32.71 1.03 22.23
CA GLN A 71 -33.26 2.38 22.18
C GLN A 71 -32.25 3.34 21.54
N LEU A 72 -32.75 4.35 20.85
CA LEU A 72 -31.86 5.32 20.20
C LEU A 72 -32.35 6.77 20.36
N TYR A 73 -31.49 7.64 20.89
CA TYR A 73 -31.83 9.05 21.05
C TYR A 73 -31.84 9.67 19.65
N VAL A 74 -32.86 10.47 19.38
CA VAL A 74 -32.96 11.13 18.09
C VAL A 74 -33.32 12.61 18.21
N TRP A 75 -32.48 13.46 17.64
CA TRP A 75 -32.76 14.89 17.62
C TRP A 75 -33.39 15.02 16.23
N ASP A 76 -34.72 14.99 16.19
CA ASP A 76 -35.48 15.05 14.95
C ASP A 76 -35.10 16.22 14.04
N THR A 77 -34.75 15.90 12.80
CA THR A 77 -34.37 16.87 11.79
C THR A 77 -35.15 16.46 10.53
N PRO A 78 -36.12 17.29 10.11
CA PRO A 78 -36.98 17.04 8.95
C PRO A 78 -36.37 16.83 7.56
N LEU A 79 -36.88 15.82 6.88
CA LEU A 79 -36.48 15.52 5.51
C LEU A 79 -37.35 16.41 4.63
N ALA A 80 -37.00 16.53 3.36
CA ALA A 80 -37.77 17.36 2.44
C ALA A 80 -38.78 16.50 1.69
N ALA A 81 -38.43 15.23 1.51
CA ALA A 81 -39.29 14.30 0.79
C ALA A 81 -39.14 12.88 1.34
N PRO A 82 -40.16 12.03 1.13
CA PRO A 82 -40.10 10.65 1.61
C PRO A 82 -38.88 9.94 1.03
N VAL A 83 -38.28 9.06 1.81
CA VAL A 83 -37.09 8.33 1.39
C VAL A 83 -37.36 6.88 1.00
N ARG A 84 -36.78 6.49 -0.13
CA ARG A 84 -36.91 5.12 -0.63
C ARG A 84 -35.51 4.54 -0.57
N PRO A 85 -35.30 3.50 0.24
CA PRO A 85 -33.97 2.90 0.35
C PRO A 85 -33.30 2.57 -0.98
N GLY A 86 -32.07 3.06 -1.13
CA GLY A 86 -31.32 2.82 -2.35
C GLY A 86 -31.52 3.85 -3.44
N GLN A 87 -32.48 4.75 -3.26
CA GLN A 87 -32.75 5.76 -4.28
C GLN A 87 -32.40 7.19 -3.86
N LEU A 88 -31.38 7.75 -4.49
CA LEU A 88 -30.95 9.12 -4.20
C LEU A 88 -32.00 10.13 -4.62
N ASP A 89 -32.14 11.20 -3.83
CA ASP A 89 -33.09 12.27 -4.13
C ASP A 89 -32.47 13.59 -3.71
N ARG A 90 -32.09 14.41 -4.68
CA ARG A 90 -31.46 15.70 -4.40
C ARG A 90 -32.33 16.63 -3.56
N ALA A 91 -33.60 16.30 -3.42
CA ALA A 91 -34.50 17.11 -2.60
C ALA A 91 -34.10 16.99 -1.13
N ASN A 92 -33.41 15.89 -0.80
CA ASN A 92 -32.98 15.65 0.58
C ASN A 92 -31.50 15.96 0.84
N ALA A 93 -30.87 16.70 -0.06
CA ALA A 93 -29.46 17.06 0.10
C ALA A 93 -29.27 18.04 1.24
N ALA A 94 -30.16 19.03 1.31
CA ALA A 94 -30.11 20.05 2.36
C ALA A 94 -30.30 19.40 3.73
N TYR A 95 -31.12 18.36 3.79
CA TYR A 95 -31.35 17.62 5.02
C TYR A 95 -30.04 17.07 5.54
N VAL A 96 -29.29 16.41 4.66
CA VAL A 96 -28.01 15.83 5.02
C VAL A 96 -27.08 16.89 5.64
N LEU A 97 -26.91 18.00 4.94
CA LEU A 97 -26.04 19.06 5.42
C LEU A 97 -26.56 19.69 6.72
N GLU A 98 -27.87 19.71 6.90
CA GLU A 98 -28.46 20.26 8.11
C GLU A 98 -28.04 19.41 9.32
N THR A 99 -28.10 18.09 9.18
CA THR A 99 -27.73 17.21 10.29
C THR A 99 -26.23 17.33 10.60
N LEU A 100 -25.43 17.52 9.55
CA LEU A 100 -23.99 17.68 9.72
C LEU A 100 -23.69 18.98 10.45
N THR A 101 -24.42 20.03 10.08
CA THR A 101 -24.23 21.33 10.69
C THR A 101 -24.63 21.30 12.17
N ARG A 102 -25.76 20.67 12.46
CA ARG A 102 -26.24 20.55 13.83
C ARG A 102 -25.22 19.81 14.69
N ALA A 103 -24.64 18.75 14.14
CA ALA A 103 -23.63 17.97 14.86
C ALA A 103 -22.37 18.81 15.07
N GLY A 104 -21.84 19.38 14.00
CA GLY A 104 -20.64 20.18 14.08
C GLY A 104 -20.79 21.39 15.00
N GLN A 105 -21.86 22.16 14.79
CA GLN A 105 -22.11 23.35 15.61
C GLN A 105 -22.40 22.94 17.07
N GLY A 106 -22.99 21.77 17.25
CA GLY A 106 -23.29 21.26 18.59
C GLY A 106 -22.02 21.02 19.37
N CYS A 107 -20.97 20.60 18.66
CA CYS A 107 -19.67 20.37 19.29
C CYS A 107 -19.04 21.74 19.55
N LEU A 108 -19.08 22.61 18.55
CA LEU A 108 -18.51 23.96 18.68
C LEU A 108 -19.16 24.76 19.80
N ASP A 109 -20.45 24.51 20.03
CA ASP A 109 -21.18 25.22 21.07
C ASP A 109 -21.00 24.56 22.45
N GLY A 110 -20.21 23.49 22.49
CA GLY A 110 -19.94 22.81 23.74
C GLY A 110 -20.95 21.81 24.26
N HIS A 111 -22.01 21.54 23.50
CA HIS A 111 -23.03 20.58 23.94
C HIS A 111 -22.60 19.14 23.73
N PHE A 112 -21.83 18.88 22.67
CA PHE A 112 -21.36 17.54 22.35
C PHE A 112 -19.86 17.41 22.55
N ALA A 113 -19.44 16.23 23.00
CA ALA A 113 -18.03 15.94 23.25
C ALA A 113 -17.34 15.52 21.96
N GLY A 114 -18.14 15.08 20.99
CA GLY A 114 -17.58 14.66 19.72
C GLY A 114 -18.68 14.22 18.79
N MSE A 115 -18.34 13.94 17.53
CA MSE A 115 -19.33 13.49 16.57
C MSE A 115 -18.80 12.33 15.75
O MSE A 115 -17.60 12.24 15.48
CB MSE A 115 -19.73 14.66 15.64
CG MSE A 115 -18.57 15.24 14.84
SE MSE A 115 -19.16 16.77 13.77
CE MSE A 115 -20.08 15.81 12.36
N ILE A 116 -19.71 11.43 15.38
CA ILE A 116 -19.38 10.25 14.57
C ILE A 116 -20.29 10.30 13.35
N THR A 117 -19.69 10.24 12.17
CA THR A 117 -20.45 10.35 10.94
C THR A 117 -20.57 9.07 10.12
N ALA A 118 -21.79 8.73 9.73
CA ALA A 118 -22.02 7.55 8.89
C ALA A 118 -21.90 8.11 7.46
N PRO A 119 -21.81 7.24 6.45
CA PRO A 119 -21.67 7.66 5.04
C PRO A 119 -22.66 8.66 4.43
N VAL A 120 -22.13 9.59 3.64
CA VAL A 120 -22.96 10.56 2.93
C VAL A 120 -22.58 10.42 1.46
N HIS A 121 -23.49 10.80 0.56
CA HIS A 121 -23.20 10.70 -0.87
C HIS A 121 -22.94 12.10 -1.42
N LYS A 122 -21.68 12.37 -1.71
CA LYS A 122 -21.26 13.67 -2.23
C LYS A 122 -21.93 14.03 -3.56
N GLY A 123 -22.08 13.03 -4.43
CA GLY A 123 -22.70 13.26 -5.73
C GLY A 123 -24.09 13.87 -5.67
N VAL A 124 -24.98 13.29 -4.87
CA VAL A 124 -26.33 13.83 -4.78
C VAL A 124 -26.35 15.25 -4.23
N ILE A 125 -25.41 15.57 -3.35
CA ILE A 125 -25.34 16.90 -2.76
C ILE A 125 -24.94 17.93 -3.83
N ASN A 126 -23.94 17.59 -4.64
CA ASN A 126 -23.48 18.49 -5.70
C ASN A 126 -24.57 18.62 -6.77
N GLU A 127 -25.28 17.53 -7.03
CA GLU A 127 -26.36 17.53 -8.01
C GLU A 127 -27.53 18.41 -7.58
N ALA A 128 -27.62 18.65 -6.27
CA ALA A 128 -28.67 19.49 -5.73
C ALA A 128 -28.23 20.95 -5.83
N GLY A 129 -27.07 21.17 -6.43
CA GLY A 129 -26.56 22.53 -6.58
C GLY A 129 -25.86 23.05 -5.34
N ILE A 130 -25.34 22.15 -4.52
CA ILE A 130 -24.65 22.55 -3.30
C ILE A 130 -23.17 22.18 -3.33
N PRO A 131 -22.28 23.20 -3.30
CA PRO A 131 -20.85 22.90 -3.33
C PRO A 131 -20.50 22.07 -2.09
N PHE A 132 -19.84 20.94 -2.33
CA PHE A 132 -19.47 20.03 -1.25
C PHE A 132 -18.31 19.20 -1.75
N SER A 133 -17.12 19.41 -1.18
CA SER A 133 -15.93 18.66 -1.57
C SER A 133 -15.91 17.28 -0.93
N GLY A 134 -16.49 17.20 0.26
CA GLY A 134 -16.53 15.95 0.99
C GLY A 134 -16.71 16.20 2.48
N HIS A 135 -16.96 15.13 3.24
CA HIS A 135 -17.16 15.22 4.68
C HIS A 135 -16.11 16.06 5.41
N THR A 136 -14.85 15.65 5.28
CA THR A 136 -13.73 16.33 5.93
C THR A 136 -13.62 17.83 5.61
N GLU A 137 -13.77 18.19 4.34
CA GLU A 137 -13.66 19.58 3.92
C GLU A 137 -14.80 20.41 4.51
N PHE A 138 -15.99 19.84 4.54
CA PHE A 138 -17.16 20.54 5.06
C PHE A 138 -16.94 20.93 6.52
N LEU A 139 -16.42 19.99 7.31
CA LEU A 139 -16.18 20.22 8.74
C LEU A 139 -15.05 21.20 8.97
N ALA A 140 -14.01 21.15 8.15
CA ALA A 140 -12.89 22.07 8.29
C ALA A 140 -13.39 23.50 8.06
N ASP A 141 -14.30 23.67 7.09
CA ASP A 141 -14.86 25.00 6.82
C ASP A 141 -15.79 25.45 7.96
N LEU A 142 -16.66 24.55 8.40
CA LEU A 142 -17.60 24.88 9.47
C LEU A 142 -16.88 25.31 10.75
N THR A 143 -15.75 24.68 11.04
CA THR A 143 -14.97 25.01 12.24
C THR A 143 -13.89 26.05 11.98
N HIS A 144 -13.84 26.55 10.75
CA HIS A 144 -12.85 27.56 10.37
C HIS A 144 -11.43 27.08 10.65
N THR A 145 -11.15 25.84 10.26
CA THR A 145 -9.84 25.24 10.47
C THR A 145 -9.11 25.20 9.13
N ALA A 146 -7.96 25.86 9.06
CA ALA A 146 -7.19 25.93 7.82
C ALA A 146 -6.60 24.59 7.41
N GLN A 147 -6.03 23.87 8.36
CA GLN A 147 -5.42 22.58 8.05
C GLN A 147 -5.91 21.44 8.93
N VAL A 148 -6.42 20.39 8.31
CA VAL A 148 -6.84 19.22 9.07
C VAL A 148 -6.00 18.07 8.55
N VAL A 149 -5.97 16.97 9.30
CA VAL A 149 -5.20 15.81 8.89
C VAL A 149 -6.05 14.56 8.97
N MSE A 150 -6.20 13.90 7.82
CA MSE A 150 -6.98 12.68 7.76
C MSE A 150 -6.12 11.51 8.24
O MSE A 150 -5.03 11.28 7.73
CB MSE A 150 -7.44 12.43 6.33
CG MSE A 150 -8.22 11.16 6.15
SE MSE A 150 -8.97 11.12 4.36
CE MSE A 150 -10.18 12.62 4.54
N MSE A 151 -6.62 10.76 9.21
CA MSE A 151 -5.88 9.62 9.71
C MSE A 151 -6.78 8.41 9.77
O MSE A 151 -7.82 8.42 10.45
CB MSE A 151 -5.31 9.91 11.10
CG MSE A 151 -4.48 8.75 11.68
SE MSE A 151 -3.84 9.05 13.51
CE MSE A 151 -5.53 8.84 14.39
N LEU A 152 -6.40 7.36 9.05
CA LEU A 152 -7.15 6.11 9.03
C LEU A 152 -6.50 5.21 10.05
N ALA A 153 -7.30 4.42 10.75
CA ALA A 153 -6.74 3.54 11.77
C ALA A 153 -7.50 2.24 11.97
N THR A 154 -6.74 1.22 12.38
CA THR A 154 -7.26 -0.09 12.67
C THR A 154 -6.40 -0.59 13.82
N ARG A 155 -6.83 -1.64 14.51
CA ARG A 155 -6.02 -2.12 15.64
C ARG A 155 -4.58 -2.39 15.21
N GLY A 156 -3.64 -1.73 15.87
CA GLY A 156 -2.24 -1.94 15.55
C GLY A 156 -1.64 -1.06 14.47
N LEU A 157 -2.46 -0.25 13.80
CA LEU A 157 -1.93 0.61 12.75
C LEU A 157 -2.73 1.88 12.49
N ARG A 158 -2.02 3.00 12.47
CA ARG A 158 -2.61 4.31 12.19
C ARG A 158 -1.87 4.92 11.01
N VAL A 159 -2.60 5.36 9.99
CA VAL A 159 -1.97 5.98 8.83
C VAL A 159 -2.55 7.37 8.60
N ALA A 160 -1.71 8.39 8.76
CA ALA A 160 -2.14 9.77 8.52
C ALA A 160 -1.70 10.12 7.10
N LEU A 161 -2.36 11.09 6.48
CA LEU A 161 -2.05 11.48 5.10
C LEU A 161 -1.72 12.97 4.93
N ALA A 162 -0.64 13.25 4.20
CA ALA A 162 -0.23 14.62 3.94
C ALA A 162 -1.23 15.23 2.95
N THR A 163 -1.70 14.42 2.00
CA THR A 163 -2.72 14.87 1.03
C THR A 163 -3.76 13.75 0.95
N THR A 164 -5.00 14.10 0.63
CA THR A 164 -6.05 13.09 0.58
C THR A 164 -6.69 12.88 -0.80
N HIS A 165 -7.88 13.44 -0.99
CA HIS A 165 -8.62 13.31 -2.22
C HIS A 165 -8.09 14.28 -3.25
N LEU A 166 -7.01 13.86 -3.91
CA LEU A 166 -6.34 14.68 -4.89
C LEU A 166 -5.91 13.81 -6.07
N PRO A 167 -6.07 14.29 -7.31
CA PRO A 167 -5.64 13.46 -8.43
C PRO A 167 -4.14 13.25 -8.20
N LEU A 168 -3.59 12.13 -8.68
CA LEU A 168 -2.18 11.86 -8.48
C LEU A 168 -1.26 12.95 -9.05
N ARG A 169 -1.62 13.52 -10.20
CA ARG A 169 -0.80 14.56 -10.82
C ARG A 169 -0.67 15.85 -10.01
N GLU A 170 -1.52 16.01 -9.00
CA GLU A 170 -1.49 17.21 -8.16
C GLU A 170 -0.68 17.03 -6.87
N VAL A 171 -0.39 15.79 -6.53
CA VAL A 171 0.32 15.47 -5.30
C VAL A 171 1.71 16.09 -5.08
N ALA A 172 2.60 15.90 -6.05
CA ALA A 172 3.95 16.40 -5.92
C ALA A 172 4.08 17.88 -5.53
N ASP A 173 3.40 18.76 -6.25
CA ASP A 173 3.50 20.19 -5.94
C ASP A 173 2.82 20.55 -4.62
N ALA A 174 1.94 19.69 -4.13
CA ALA A 174 1.25 19.97 -2.88
C ALA A 174 2.13 19.70 -1.65
N ILE A 175 3.22 18.95 -1.83
CA ILE A 175 4.11 18.66 -0.71
C ILE A 175 5.06 19.83 -0.48
N SER A 176 4.59 20.82 0.26
CA SER A 176 5.39 22.02 0.54
C SER A 176 5.89 22.00 1.99
N ASP A 177 6.90 22.83 2.27
CA ASP A 177 7.43 22.91 3.62
C ASP A 177 6.31 23.29 4.58
N GLU A 178 5.50 24.27 4.20
CA GLU A 178 4.41 24.73 5.04
C GLU A 178 3.40 23.63 5.34
N ARG A 179 2.93 22.95 4.28
CA ARG A 179 1.94 21.90 4.46
C ARG A 179 2.47 20.74 5.30
N LEU A 180 3.64 20.20 4.92
CA LEU A 180 4.25 19.09 5.63
C LEU A 180 4.45 19.42 7.10
N THR A 181 4.97 20.62 7.36
CA THR A 181 5.22 21.04 8.74
C THR A 181 3.92 21.09 9.56
N ARG A 182 2.88 21.67 9.00
CA ARG A 182 1.59 21.75 9.70
C ARG A 182 1.03 20.36 9.95
N VAL A 183 1.05 19.53 8.91
CA VAL A 183 0.53 18.17 9.01
C VAL A 183 1.24 17.35 10.09
N ALA A 184 2.57 17.43 10.10
CA ALA A 184 3.36 16.68 11.09
C ALA A 184 3.07 17.15 12.51
N ARG A 185 3.01 18.47 12.70
CA ARG A 185 2.74 19.01 14.03
C ARG A 185 1.34 18.64 14.54
N ILE A 186 0.37 18.65 13.64
CA ILE A 186 -1.00 18.28 14.00
C ILE A 186 -1.05 16.81 14.42
N LEU A 187 -0.41 15.94 13.65
CA LEU A 187 -0.40 14.51 13.95
C LEU A 187 0.26 14.25 15.29
N HIS A 188 1.41 14.88 15.53
CA HIS A 188 2.12 14.69 16.80
C HIS A 188 1.29 15.20 17.98
N ALA A 189 0.75 16.40 17.86
CA ALA A 189 -0.05 17.01 18.92
C ALA A 189 -1.29 16.20 19.27
N ASP A 190 -2.03 15.74 18.26
CA ASP A 190 -3.23 14.96 18.51
C ASP A 190 -2.95 13.56 19.06
N LEU A 191 -1.88 12.92 18.60
CA LEU A 191 -1.55 11.61 19.13
C LEU A 191 -1.22 11.79 20.61
N ARG A 192 -0.66 12.94 20.94
CA ARG A 192 -0.30 13.24 22.33
C ARG A 192 -1.54 13.57 23.15
N ASP A 193 -2.32 14.54 22.68
CA ASP A 193 -3.50 15.01 23.39
C ASP A 193 -4.79 14.19 23.27
N LYS A 194 -5.01 13.55 22.12
CA LYS A 194 -6.23 12.80 21.93
C LYS A 194 -6.10 11.29 22.03
N PHE A 195 -4.86 10.78 21.99
CA PHE A 195 -4.64 9.35 22.10
C PHE A 195 -3.75 8.97 23.28
N GLY A 196 -3.38 9.95 24.10
CA GLY A 196 -2.58 9.70 25.29
C GLY A 196 -1.15 9.20 25.10
N ILE A 197 -0.53 9.53 23.98
CA ILE A 197 0.83 9.09 23.71
C ILE A 197 1.80 10.24 24.06
N ALA A 198 2.51 10.07 25.17
CA ALA A 198 3.45 11.07 25.66
C ALA A 198 4.47 11.56 24.65
N HIS A 199 5.13 10.63 23.97
CA HIS A 199 6.15 10.95 22.97
C HIS A 199 5.91 10.11 21.73
N PRO A 200 4.99 10.56 20.87
CA PRO A 200 4.65 9.86 19.62
C PRO A 200 5.84 9.55 18.71
N ARG A 201 5.92 8.31 18.26
CA ARG A 201 6.98 7.90 17.35
C ARG A 201 6.27 7.72 16.00
N ILE A 202 6.61 8.60 15.06
CA ILE A 202 5.97 8.63 13.75
C ILE A 202 6.92 8.32 12.58
N LEU A 203 6.56 7.34 11.76
CA LEU A 203 7.37 6.97 10.61
C LEU A 203 6.83 7.76 9.42
N VAL A 204 7.70 8.47 8.70
CA VAL A 204 7.28 9.29 7.57
C VAL A 204 7.76 8.77 6.21
N CYS A 205 6.83 8.65 5.27
CA CYS A 205 7.14 8.20 3.91
C CYS A 205 7.73 9.32 3.05
N GLY A 206 8.59 8.94 2.12
CA GLY A 206 9.13 9.92 1.19
C GLY A 206 8.03 10.03 0.15
N LEU A 207 8.11 11.04 -0.71
CA LEU A 207 7.11 11.24 -1.76
C LEU A 207 7.36 10.27 -2.90
N ASN A 208 8.63 10.07 -3.22
CA ASN A 208 9.03 9.21 -4.32
C ASN A 208 9.42 7.80 -3.90
N PRO A 209 9.39 6.85 -4.85
CA PRO A 209 9.77 5.49 -4.48
C PRO A 209 11.23 5.49 -4.02
N HIS A 210 11.56 4.59 -3.10
CA HIS A 210 12.92 4.54 -2.57
C HIS A 210 13.25 5.87 -1.88
N ALA A 211 12.21 6.65 -1.58
CA ALA A 211 12.38 7.95 -0.95
C ALA A 211 13.32 8.85 -1.76
N GLY A 212 13.20 8.79 -3.09
CA GLY A 212 14.02 9.62 -3.94
C GLY A 212 15.36 9.03 -4.35
N GLU A 213 15.78 7.98 -3.63
CA GLU A 213 17.04 7.30 -3.91
C GLU A 213 18.21 8.29 -4.11
N GLY A 214 18.59 8.96 -3.05
CA GLY A 214 19.68 9.92 -3.12
C GLY A 214 19.43 11.04 -4.11
N GLY A 215 18.16 11.35 -4.35
CA GLY A 215 17.82 12.41 -5.28
C GLY A 215 17.75 11.98 -6.73
N HIS A 216 18.02 10.70 -6.98
CA HIS A 216 17.99 10.16 -8.34
C HIS A 216 16.57 9.93 -8.86
N LEU A 217 15.63 9.73 -7.96
CA LEU A 217 14.24 9.51 -8.35
C LEU A 217 13.33 10.60 -7.77
N GLY A 218 13.77 11.85 -7.92
CA GLY A 218 12.99 12.97 -7.41
C GLY A 218 13.82 13.73 -6.38
N ARG A 219 13.67 15.05 -6.36
CA ARG A 219 14.43 15.91 -5.45
C ARG A 219 13.63 16.38 -4.23
N GLU A 220 12.34 16.06 -4.19
CA GLU A 220 11.50 16.50 -3.08
C GLU A 220 11.98 16.14 -1.68
N GLU A 221 12.53 14.94 -1.50
CA GLU A 221 13.02 14.54 -0.19
C GLU A 221 14.18 15.44 0.24
N ILE A 222 15.13 15.63 -0.68
CA ILE A 222 16.30 16.46 -0.41
C ILE A 222 15.97 17.93 -0.15
N GLU A 223 15.17 18.51 -1.04
CA GLU A 223 14.82 19.92 -0.95
C GLU A 223 13.70 20.30 0.01
N VAL A 224 12.76 19.40 0.26
CA VAL A 224 11.66 19.73 1.13
C VAL A 224 11.42 18.85 2.36
N ILE A 225 11.16 17.57 2.12
CA ILE A 225 10.87 16.66 3.22
C ILE A 225 11.96 16.50 4.28
N GLU A 226 13.17 16.13 3.88
CA GLU A 226 14.26 15.96 4.84
C GLU A 226 14.45 17.21 5.72
N PRO A 227 14.61 18.39 5.09
CA PRO A 227 14.79 19.64 5.85
C PRO A 227 13.67 19.88 6.87
N CYS A 228 12.42 19.70 6.44
CA CYS A 228 11.27 19.89 7.32
C CYS A 228 11.30 18.98 8.54
N LEU A 229 11.44 17.68 8.30
CA LEU A 229 11.46 16.72 9.40
C LEU A 229 12.65 16.96 10.32
N GLU A 230 13.79 17.32 9.76
CA GLU A 230 15.00 17.59 10.55
C GLU A 230 14.70 18.75 11.49
N ARG A 231 14.04 19.78 10.94
CA ARG A 231 13.67 20.95 11.72
C ARG A 231 12.82 20.53 12.91
N LEU A 232 11.78 19.75 12.64
CA LEU A 232 10.88 19.30 13.69
C LEU A 232 11.51 18.33 14.70
N ARG A 233 12.44 17.49 14.24
CA ARG A 233 13.11 16.57 15.15
C ARG A 233 13.92 17.42 16.15
N GLY A 234 14.43 18.54 15.67
CA GLY A 234 15.20 19.43 16.54
C GLY A 234 14.29 20.09 17.56
N GLU A 235 12.99 19.90 17.43
CA GLU A 235 12.03 20.48 18.36
C GLU A 235 11.40 19.42 19.25
N GLY A 236 12.00 18.24 19.26
CA GLY A 236 11.50 17.18 20.12
C GLY A 236 10.52 16.22 19.51
N LEU A 237 10.08 16.46 18.27
CA LEU A 237 9.13 15.56 17.62
C LEU A 237 9.88 14.34 17.07
N ASP A 238 9.48 13.16 17.54
CA ASP A 238 10.11 11.92 17.13
C ASP A 238 9.59 11.43 15.77
N LEU A 239 10.06 12.09 14.73
CA LEU A 239 9.68 11.77 13.36
C LEU A 239 10.85 11.06 12.70
N ILE A 240 10.59 9.90 12.12
CA ILE A 240 11.65 9.13 11.45
C ILE A 240 11.39 9.12 9.95
N GLY A 241 12.40 9.51 9.18
CA GLY A 241 12.25 9.52 7.73
C GLY A 241 12.82 10.76 7.09
N PRO A 242 12.51 11.00 5.80
CA PRO A 242 11.63 10.13 5.00
C PRO A 242 12.25 8.78 4.68
N LEU A 243 11.42 7.74 4.67
CA LEU A 243 11.88 6.40 4.35
C LEU A 243 11.01 5.82 3.24
N PRO A 244 11.55 4.85 2.48
CA PRO A 244 10.78 4.24 1.39
C PRO A 244 9.49 3.65 1.95
N ALA A 245 8.37 3.99 1.32
CA ALA A 245 7.07 3.51 1.75
C ALA A 245 7.04 1.98 1.94
N ASP A 246 7.60 1.25 0.98
CA ASP A 246 7.58 -0.21 1.06
C ASP A 246 8.58 -0.79 2.05
N THR A 247 9.23 0.08 2.81
CA THR A 247 10.17 -0.35 3.85
C THR A 247 9.50 -0.08 5.19
N LEU A 248 8.85 1.09 5.29
CA LEU A 248 8.17 1.48 6.51
C LEU A 248 7.00 0.55 6.79
N PHE A 249 6.30 0.14 5.74
CA PHE A 249 5.14 -0.74 5.90
C PHE A 249 5.42 -2.23 6.09
N THR A 250 6.51 -2.55 6.76
CA THR A 250 6.85 -3.94 7.05
C THR A 250 6.62 -4.11 8.55
N PRO A 251 6.07 -5.27 8.97
CA PRO A 251 5.81 -5.53 10.38
C PRO A 251 6.95 -5.08 11.29
N LYS A 252 8.17 -5.41 10.89
CA LYS A 252 9.37 -5.06 11.66
C LYS A 252 9.37 -3.61 12.13
N HIS A 253 8.99 -2.69 11.25
CA HIS A 253 8.98 -1.28 11.61
C HIS A 253 7.67 -0.81 12.23
N LEU A 254 6.55 -1.30 11.70
CA LEU A 254 5.25 -0.91 12.21
C LEU A 254 5.05 -1.24 13.69
N GLU A 255 5.71 -2.31 14.14
CA GLU A 255 5.61 -2.72 15.53
C GLU A 255 6.13 -1.68 16.52
N HIS A 256 6.95 -0.75 16.03
CA HIS A 256 7.52 0.26 16.91
C HIS A 256 7.12 1.70 16.66
N CYS A 257 5.97 1.93 16.03
CA CYS A 257 5.55 3.31 15.78
C CYS A 257 4.10 3.53 16.22
N ASP A 258 3.76 4.80 16.44
CA ASP A 258 2.41 5.15 16.87
C ASP A 258 1.54 5.49 15.66
N ALA A 259 2.19 5.85 14.57
CA ALA A 259 1.50 6.20 13.32
C ALA A 259 2.47 6.37 12.16
N VAL A 260 1.96 6.15 10.96
CA VAL A 260 2.74 6.32 9.74
C VAL A 260 2.17 7.56 9.04
N LEU A 261 3.03 8.40 8.50
CA LEU A 261 2.56 9.57 7.77
C LEU A 261 2.92 9.37 6.31
N ALA A 262 1.92 9.07 5.49
CA ALA A 262 2.14 8.87 4.06
C ALA A 262 1.89 10.21 3.39
N MSE A 263 2.55 10.42 2.24
CA MSE A 263 2.41 11.66 1.50
C MSE A 263 1.11 11.76 0.68
O MSE A 263 0.66 12.86 0.38
CB MSE A 263 3.62 11.84 0.57
CG MSE A 263 4.95 12.03 1.30
SE MSE A 263 4.96 13.60 2.46
CE MSE A 263 4.70 12.71 4.18
N TYR A 264 0.54 10.62 0.32
CA TYR A 264 -0.70 10.65 -0.46
C TYR A 264 -1.57 9.40 -0.26
N HIS A 265 -2.84 9.53 -0.61
CA HIS A 265 -3.86 8.48 -0.44
C HIS A 265 -3.49 7.02 -0.67
N ASP A 266 -3.16 6.68 -1.91
CA ASP A 266 -2.84 5.29 -2.24
C ASP A 266 -1.48 4.80 -1.79
N GLN A 267 -0.70 5.66 -1.15
CA GLN A 267 0.61 5.25 -0.67
C GLN A 267 0.47 4.60 0.69
N GLY A 268 -0.55 5.01 1.47
CA GLY A 268 -0.71 4.44 2.78
C GLY A 268 -1.96 3.63 3.06
N LEU A 269 -3.05 3.91 2.37
CA LEU A 269 -4.30 3.20 2.63
C LEU A 269 -4.40 1.73 2.22
N PRO A 270 -3.73 1.31 1.13
CA PRO A 270 -3.84 -0.09 0.76
C PRO A 270 -3.42 -1.06 1.88
N VAL A 271 -2.30 -0.77 2.54
CA VAL A 271 -1.83 -1.64 3.63
C VAL A 271 -2.81 -1.57 4.79
N LEU A 272 -3.30 -0.38 5.10
CA LEU A 272 -4.24 -0.24 6.20
C LEU A 272 -5.51 -1.04 5.92
N LYS A 273 -6.04 -0.92 4.71
CA LYS A 273 -7.25 -1.64 4.34
C LYS A 273 -7.01 -3.15 4.26
N TYR A 274 -5.82 -3.55 3.84
CA TYR A 274 -5.53 -4.98 3.75
C TYR A 274 -5.57 -5.54 5.17
N LYS A 275 -4.94 -4.82 6.08
CA LYS A 275 -4.85 -5.23 7.48
C LYS A 275 -6.15 -5.16 8.27
N GLY A 276 -6.89 -4.06 8.15
CA GLY A 276 -8.11 -3.94 8.93
C GLY A 276 -9.38 -3.41 8.30
N PHE A 277 -9.61 -3.77 7.03
CA PHE A 277 -10.84 -3.33 6.38
C PHE A 277 -11.97 -3.93 7.20
N GLY A 278 -12.96 -3.11 7.56
CA GLY A 278 -14.08 -3.60 8.35
C GLY A 278 -13.96 -3.30 9.83
N ALA A 279 -12.88 -2.60 10.19
CA ALA A 279 -12.64 -2.21 11.57
C ALA A 279 -11.69 -1.02 11.49
N ALA A 280 -11.86 -0.23 10.44
CA ALA A 280 -11.02 0.94 10.19
C ALA A 280 -11.79 2.24 10.30
N VAL A 281 -11.34 3.10 11.19
CA VAL A 281 -11.97 4.39 11.41
C VAL A 281 -11.20 5.53 10.75
N ASN A 282 -11.94 6.51 10.26
CA ASN A 282 -11.32 7.70 9.66
C ASN A 282 -11.43 8.79 10.73
N VAL A 283 -10.29 9.28 11.18
CA VAL A 283 -10.24 10.32 12.21
C VAL A 283 -9.75 11.64 11.64
N THR A 284 -10.55 12.70 11.82
CA THR A 284 -10.14 14.01 11.32
C THR A 284 -9.39 14.76 12.43
N LEU A 285 -8.07 14.84 12.28
CA LEU A 285 -7.22 15.52 13.26
C LEU A 285 -7.09 17.01 12.94
N GLY A 286 -6.78 17.81 13.96
CA GLY A 286 -6.60 19.23 13.74
C GLY A 286 -7.82 20.12 13.97
N LEU A 287 -9.00 19.52 14.05
CA LEU A 287 -10.22 20.28 14.29
C LEU A 287 -10.32 20.67 15.76
N PRO A 288 -11.08 21.72 16.08
CA PRO A 288 -11.22 22.12 17.48
C PRO A 288 -12.23 21.19 18.16
N ILE A 289 -12.74 20.22 17.40
CA ILE A 289 -13.71 19.24 17.92
C ILE A 289 -13.27 17.84 17.52
N ILE A 290 -13.89 16.83 18.13
CA ILE A 290 -13.57 15.43 17.85
C ILE A 290 -14.55 14.86 16.83
N ARG A 291 -14.04 14.27 15.76
CA ARG A 291 -14.89 13.67 14.75
C ARG A 291 -14.26 12.41 14.19
N THR A 292 -15.04 11.33 14.17
CA THR A 292 -14.58 10.07 13.62
C THR A 292 -15.61 9.68 12.56
N SER A 293 -15.28 8.66 11.78
CA SER A 293 -16.18 8.24 10.71
C SER A 293 -15.75 6.88 10.18
N VAL A 294 -16.60 6.24 9.39
CA VAL A 294 -16.25 4.96 8.78
C VAL A 294 -15.64 5.41 7.45
N ASP A 295 -14.99 4.50 6.73
CA ASP A 295 -14.42 4.90 5.45
C ASP A 295 -15.05 4.19 4.26
N HIS A 296 -16.14 3.48 4.50
CA HIS A 296 -16.83 2.79 3.41
C HIS A 296 -17.90 3.72 2.85
N GLY A 297 -18.48 3.34 1.72
CA GLY A 297 -19.49 4.17 1.10
C GLY A 297 -20.90 3.97 1.62
N THR A 298 -21.86 4.62 0.96
CA THR A 298 -23.26 4.53 1.34
C THR A 298 -23.92 3.21 0.94
N ALA A 299 -23.23 2.43 0.11
CA ALA A 299 -23.75 1.13 -0.34
C ALA A 299 -25.26 1.18 -0.58
N LEU A 300 -25.67 2.06 -1.50
CA LEU A 300 -27.08 2.24 -1.80
C LEU A 300 -27.87 0.94 -2.07
N ASP A 301 -27.25 0.01 -2.77
CA ASP A 301 -27.91 -1.26 -3.11
C ASP A 301 -28.08 -2.21 -1.93
N LEU A 302 -27.50 -1.89 -0.79
CA LEU A 302 -27.63 -2.74 0.39
C LEU A 302 -28.55 -2.12 1.43
N ALA A 303 -28.98 -0.89 1.20
CA ALA A 303 -29.86 -0.21 2.13
C ALA A 303 -31.15 -1.02 2.30
N GLY A 304 -31.53 -1.30 3.55
CA GLY A 304 -32.73 -2.05 3.83
C GLY A 304 -32.61 -3.56 3.69
N SER A 305 -31.42 -4.03 3.34
CA SER A 305 -31.18 -5.47 3.16
C SER A 305 -30.65 -6.16 4.42
N GLY A 306 -30.00 -5.41 5.29
CA GLY A 306 -29.45 -5.99 6.50
C GLY A 306 -28.16 -6.74 6.25
N ARG A 307 -27.70 -6.78 5.00
CA ARG A 307 -26.47 -7.49 4.68
C ARG A 307 -25.30 -6.51 4.72
N ILE A 308 -25.06 -5.96 5.91
CA ILE A 308 -24.00 -4.99 6.10
C ILE A 308 -23.21 -5.30 7.38
N ASP A 309 -22.02 -4.72 7.49
CA ASP A 309 -21.13 -4.93 8.63
C ASP A 309 -21.03 -3.62 9.44
N SER A 310 -21.50 -3.65 10.67
CA SER A 310 -21.47 -2.47 11.54
C SER A 310 -20.16 -2.35 12.31
N GLY A 311 -19.24 -3.27 12.03
CA GLY A 311 -17.96 -3.27 12.72
C GLY A 311 -17.21 -1.96 12.64
N SER A 312 -17.12 -1.39 11.43
CA SER A 312 -16.41 -0.14 11.24
C SER A 312 -17.01 0.99 12.08
N LEU A 313 -18.31 1.23 11.94
CA LEU A 313 -18.95 2.29 12.72
C LEU A 313 -18.76 2.04 14.21
N GLN A 314 -18.74 0.78 14.62
CA GLN A 314 -18.54 0.44 16.02
C GLN A 314 -17.19 0.96 16.49
N VAL A 315 -16.16 0.72 15.69
CA VAL A 315 -14.81 1.16 16.03
C VAL A 315 -14.77 2.69 16.02
N ALA A 316 -15.52 3.30 15.10
CA ALA A 316 -15.55 4.76 15.02
C ALA A 316 -16.15 5.33 16.31
N LEU A 317 -17.21 4.68 16.80
CA LEU A 317 -17.83 5.13 18.05
C LEU A 317 -16.83 5.00 19.20
N GLU A 318 -16.26 3.82 19.36
CA GLU A 318 -15.30 3.57 20.43
C GLU A 318 -14.13 4.52 20.36
N THR A 319 -13.67 4.84 19.15
CA THR A 319 -12.55 5.74 18.99
C THR A 319 -12.90 7.15 19.46
N ALA A 320 -14.09 7.64 19.12
CA ALA A 320 -14.50 8.97 19.54
C ALA A 320 -14.61 9.01 21.07
N TYR A 321 -15.20 7.96 21.66
CA TYR A 321 -15.36 7.87 23.12
C TYR A 321 -14.00 7.96 23.81
N GLN A 322 -13.03 7.19 23.30
CA GLN A 322 -11.70 7.17 23.87
C GLN A 322 -10.99 8.51 23.70
N MSE A 323 -11.13 9.11 22.52
CA MSE A 323 -10.51 10.39 22.26
C MSE A 323 -11.06 11.47 23.19
O MSE A 323 -10.30 12.25 23.77
CB MSE A 323 -10.71 10.81 20.80
CG MSE A 323 -9.93 9.99 19.81
SE MSE A 323 -10.37 10.47 17.98
CE MSE A 323 -9.32 12.09 17.81
N ALA A 324 -12.38 11.49 23.35
CA ALA A 324 -13.02 12.48 24.22
C ALA A 324 -12.56 12.30 25.67
N ALA A 325 -12.44 11.05 26.11
CA ALA A 325 -11.99 10.78 27.47
C ALA A 325 -10.56 11.27 27.62
N SER A 326 -9.73 10.98 26.61
CA SER A 326 -8.33 11.40 26.62
C SER A 326 -8.30 12.93 26.68
N ARG A 327 -9.31 13.54 26.05
CA ARG A 327 -9.50 14.99 26.00
C ARG A 327 -9.32 15.67 24.65
N CYS A 328 -10.41 16.28 24.17
CA CYS A 328 -10.45 16.98 22.89
C CYS A 328 -9.33 18.01 22.75
N MSE B 1 16.52 -32.08 -10.59
CA MSE B 1 16.04 -32.64 -11.89
C MSE B 1 16.95 -32.12 -13.00
O MSE B 1 17.86 -31.31 -12.75
CB MSE B 1 14.59 -32.20 -12.14
CG MSE B 1 13.71 -33.23 -12.85
SE MSE B 1 14.03 -33.50 -14.75
CE MSE B 1 15.09 -35.10 -14.67
N SER B 2 16.72 -32.58 -14.23
CA SER B 2 17.50 -32.18 -15.38
C SER B 2 17.46 -30.66 -15.57
N LEU B 3 16.72 -29.98 -14.69
CA LEU B 3 16.60 -28.53 -14.75
C LEU B 3 17.66 -27.88 -13.88
N ARG B 4 18.59 -27.17 -14.51
CA ARG B 4 19.66 -26.49 -13.78
C ARG B 4 19.33 -25.01 -13.67
N PHE B 5 19.79 -24.39 -12.58
CA PHE B 5 19.54 -22.98 -12.36
C PHE B 5 20.81 -22.21 -12.00
N ALA B 6 21.01 -21.08 -12.67
CA ALA B 6 22.17 -20.24 -12.43
C ALA B 6 21.82 -19.24 -11.34
N LEU B 7 22.74 -19.08 -10.39
CA LEU B 7 22.57 -18.14 -9.28
C LEU B 7 23.72 -17.14 -9.32
N THR B 8 23.38 -15.86 -9.44
CA THR B 8 24.41 -14.83 -9.49
C THR B 8 24.44 -14.00 -8.20
N PRO B 9 25.48 -14.18 -7.38
CA PRO B 9 25.68 -13.46 -6.12
C PRO B 9 25.75 -11.94 -6.31
N GLY B 10 26.06 -11.52 -7.53
CA GLY B 10 26.13 -10.10 -7.84
C GLY B 10 27.34 -9.34 -7.32
N GLU B 11 27.09 -8.13 -6.80
CA GLU B 11 28.15 -7.28 -6.27
C GLU B 11 28.90 -7.99 -5.14
N PRO B 12 30.16 -8.36 -5.39
CA PRO B 12 30.99 -9.05 -4.39
C PRO B 12 31.10 -8.39 -3.02
N ALA B 13 31.10 -7.06 -2.98
CA ALA B 13 31.23 -6.35 -1.72
C ALA B 13 29.90 -6.29 -0.96
N GLY B 14 28.82 -6.71 -1.62
CA GLY B 14 27.51 -6.67 -0.99
C GLY B 14 27.10 -8.00 -0.38
N ILE B 15 25.87 -8.06 0.12
CA ILE B 15 25.35 -9.27 0.76
C ILE B 15 24.95 -10.39 -0.19
N GLY B 16 25.07 -10.15 -1.50
CA GLY B 16 24.72 -11.19 -2.46
C GLY B 16 25.40 -12.50 -2.07
N PRO B 17 26.74 -12.52 -1.98
CA PRO B 17 27.48 -13.74 -1.61
C PRO B 17 26.96 -14.31 -0.28
N ASP B 18 26.83 -13.44 0.71
CA ASP B 18 26.32 -13.83 2.03
C ASP B 18 25.04 -14.66 1.90
N LEU B 19 24.02 -14.05 1.32
CA LEU B 19 22.73 -14.68 1.13
C LEU B 19 22.83 -16.05 0.46
N CYS B 20 23.59 -16.12 -0.62
CA CYS B 20 23.76 -17.38 -1.34
C CYS B 20 24.37 -18.44 -0.44
N LEU B 21 25.34 -18.05 0.37
CA LEU B 21 25.98 -18.98 1.29
C LEU B 21 24.97 -19.45 2.32
N LEU B 22 24.24 -18.50 2.91
CA LEU B 22 23.23 -18.83 3.91
C LEU B 22 22.22 -19.85 3.38
N LEU B 23 21.81 -19.67 2.13
CA LEU B 23 20.85 -20.59 1.51
C LEU B 23 21.49 -21.90 1.08
N ALA B 24 22.80 -22.01 1.32
CA ALA B 24 23.53 -23.22 0.98
C ALA B 24 23.51 -24.15 2.18
N ARG B 25 22.89 -23.69 3.26
CA ARG B 25 22.79 -24.49 4.48
C ARG B 25 21.77 -25.59 4.28
N SER B 26 20.93 -25.43 3.27
CA SER B 26 19.89 -26.41 2.95
C SER B 26 20.10 -26.97 1.55
N ALA B 27 19.72 -28.22 1.35
CA ALA B 27 19.84 -28.85 0.04
C ALA B 27 18.75 -28.27 -0.84
N GLN B 28 19.01 -28.14 -2.12
CA GLN B 28 18.03 -27.57 -3.05
C GLN B 28 17.27 -28.66 -3.81
N PRO B 29 16.07 -28.33 -4.30
CA PRO B 29 15.27 -29.32 -5.04
C PRO B 29 15.87 -29.56 -6.42
N HIS B 30 16.75 -28.65 -6.84
CA HIS B 30 17.41 -28.74 -8.14
C HIS B 30 18.85 -28.27 -8.00
N PRO B 31 19.71 -28.61 -8.97
CA PRO B 31 21.11 -28.19 -8.90
C PRO B 31 21.21 -26.68 -9.12
N LEU B 32 21.63 -25.96 -8.08
CA LEU B 32 21.77 -24.51 -8.14
C LEU B 32 23.23 -24.13 -8.35
N ILE B 33 23.56 -23.70 -9.57
CA ILE B 33 24.93 -23.33 -9.94
C ILE B 33 25.25 -21.86 -9.72
N ALA B 34 26.09 -21.58 -8.72
CA ALA B 34 26.48 -20.22 -8.40
C ALA B 34 27.62 -19.77 -9.30
N ILE B 35 27.35 -18.78 -10.15
CA ILE B 35 28.36 -18.27 -11.06
C ILE B 35 29.03 -17.07 -10.38
N ALA B 36 30.20 -17.32 -9.80
CA ALA B 36 30.96 -16.29 -9.10
C ALA B 36 32.38 -16.77 -8.82
N SER B 37 33.09 -16.03 -7.98
CA SER B 37 34.47 -16.37 -7.60
C SER B 37 34.49 -17.30 -6.39
N ARG B 38 35.21 -18.40 -6.51
CA ARG B 38 35.33 -19.35 -5.40
C ARG B 38 35.93 -18.65 -4.19
N THR B 39 37.02 -17.94 -4.42
CA THR B 39 37.70 -17.23 -3.34
C THR B 39 36.75 -16.27 -2.65
N LEU B 40 35.97 -15.53 -3.45
CA LEU B 40 35.00 -14.59 -2.90
C LEU B 40 34.12 -15.29 -1.89
N LEU B 41 33.50 -16.39 -2.31
CA LEU B 41 32.61 -17.15 -1.46
C LEU B 41 33.32 -17.77 -0.26
N GLN B 42 34.51 -18.33 -0.48
CA GLN B 42 35.28 -18.92 0.60
C GLN B 42 35.51 -17.94 1.73
N GLU B 43 36.08 -16.79 1.40
CA GLU B 43 36.35 -15.77 2.41
C GLU B 43 35.06 -15.31 3.09
N ARG B 44 34.05 -14.98 2.30
CA ARG B 44 32.79 -14.52 2.84
C ARG B 44 32.24 -15.56 3.83
N ALA B 45 32.40 -16.83 3.48
CA ALA B 45 31.95 -17.90 4.36
C ALA B 45 32.74 -17.82 5.67
N GLY B 46 34.06 -17.77 5.56
CA GLY B 46 34.89 -17.70 6.75
C GLY B 46 34.55 -16.47 7.57
N GLN B 47 34.24 -15.36 6.90
CA GLN B 47 33.90 -14.12 7.58
C GLN B 47 32.56 -14.25 8.30
N LEU B 48 31.71 -15.13 7.78
CA LEU B 48 30.39 -15.36 8.37
C LEU B 48 30.45 -16.46 9.42
N GLY B 49 31.54 -17.20 9.42
CA GLY B 49 31.70 -18.29 10.38
C GLY B 49 31.11 -19.58 9.85
N LEU B 50 30.31 -19.46 8.79
CA LEU B 50 29.69 -20.63 8.18
C LEU B 50 30.72 -21.50 7.46
N ALA B 51 30.34 -22.75 7.20
CA ALA B 51 31.22 -23.69 6.52
C ALA B 51 30.49 -24.36 5.37
N ILE B 52 30.87 -24.01 4.14
CA ILE B 52 30.22 -24.57 2.96
C ILE B 52 31.22 -25.28 2.04
N ASP B 53 30.76 -26.35 1.40
CA ASP B 53 31.60 -27.12 0.49
C ASP B 53 31.49 -26.60 -0.93
N LEU B 54 32.19 -25.51 -1.22
CA LEU B 54 32.16 -24.94 -2.55
C LEU B 54 32.68 -25.96 -3.56
N LYS B 55 31.76 -26.69 -4.17
CA LYS B 55 32.11 -27.70 -5.17
C LYS B 55 32.24 -27.08 -6.55
N ASP B 56 33.43 -27.17 -7.12
CA ASP B 56 33.71 -26.62 -8.45
C ASP B 56 32.87 -27.33 -9.51
N VAL B 57 32.51 -26.58 -10.55
CA VAL B 57 31.71 -27.13 -11.65
C VAL B 57 32.20 -26.57 -12.98
N SER B 58 32.29 -27.43 -13.99
CA SER B 58 32.76 -27.02 -15.31
C SER B 58 31.70 -27.14 -16.40
N PRO B 59 31.78 -26.27 -17.43
CA PRO B 59 30.84 -26.28 -18.54
C PRO B 59 30.91 -27.60 -19.30
N ALA B 60 32.06 -28.26 -19.21
CA ALA B 60 32.29 -29.53 -19.87
C ALA B 60 31.25 -30.57 -19.48
N ALA B 61 30.80 -30.51 -18.24
CA ALA B 61 29.81 -31.45 -17.73
C ALA B 61 29.10 -30.88 -16.52
N TRP B 62 27.92 -30.30 -16.74
CA TRP B 62 27.14 -29.69 -15.65
C TRP B 62 26.65 -30.76 -14.68
N PRO B 63 26.40 -30.37 -13.43
CA PRO B 63 25.91 -31.29 -12.38
C PRO B 63 24.62 -31.99 -12.80
N GLU B 64 24.10 -32.81 -11.91
CA GLU B 64 22.86 -33.54 -12.17
C GLU B 64 21.95 -33.54 -10.94
N ARG B 65 22.55 -33.39 -9.76
CA ARG B 65 21.78 -33.36 -8.53
C ARG B 65 22.22 -32.21 -7.62
N PRO B 66 21.33 -31.78 -6.72
CA PRO B 66 21.58 -30.68 -5.78
C PRO B 66 22.71 -30.95 -4.79
N ALA B 67 23.43 -29.89 -4.44
CA ALA B 67 24.52 -30.00 -3.48
C ALA B 67 23.96 -30.34 -2.10
N LYS B 68 24.76 -31.04 -1.28
CA LYS B 68 24.32 -31.41 0.05
C LYS B 68 24.12 -30.19 0.94
N ALA B 69 23.21 -30.30 1.89
CA ALA B 69 22.96 -29.20 2.81
C ALA B 69 24.27 -28.80 3.47
N GLY B 70 24.91 -27.76 2.92
CA GLY B 70 26.18 -27.30 3.45
C GLY B 70 27.18 -27.21 2.32
N GLN B 71 26.71 -27.49 1.12
CA GLN B 71 27.53 -27.45 -0.08
C GLN B 71 26.93 -26.49 -1.10
N LEU B 72 27.77 -25.93 -1.97
CA LEU B 72 27.32 -24.99 -2.98
C LEU B 72 28.15 -25.10 -4.26
N TYR B 73 27.47 -25.39 -5.36
CA TYR B 73 28.13 -25.50 -6.66
C TYR B 73 28.64 -24.12 -7.04
N VAL B 74 29.78 -24.07 -7.71
CA VAL B 74 30.37 -22.80 -8.11
C VAL B 74 31.11 -22.84 -9.44
N TRP B 75 30.56 -22.17 -10.45
CA TRP B 75 31.21 -22.08 -11.75
C TRP B 75 32.14 -20.87 -11.59
N ASP B 76 33.34 -21.13 -11.12
CA ASP B 76 34.36 -20.10 -10.87
C ASP B 76 34.50 -19.05 -11.97
N THR B 77 34.47 -17.79 -11.54
CA THR B 77 34.63 -16.64 -12.42
C THR B 77 35.60 -15.76 -11.65
N PRO B 78 36.77 -15.49 -12.24
CA PRO B 78 37.82 -14.66 -11.62
C PRO B 78 37.55 -13.20 -11.31
N LEU B 79 37.91 -12.79 -10.10
CA LEU B 79 37.79 -11.41 -9.68
C LEU B 79 38.99 -10.68 -10.27
N ALA B 80 38.94 -9.35 -10.29
CA ALA B 80 40.05 -8.57 -10.82
C ALA B 80 40.93 -8.13 -9.66
N ALA B 81 40.29 -7.94 -8.51
CA ALA B 81 41.00 -7.51 -7.31
C ALA B 81 40.37 -8.16 -6.07
N PRO B 82 41.13 -8.27 -4.97
CA PRO B 82 40.62 -8.88 -3.75
C PRO B 82 39.40 -8.11 -3.27
N VAL B 83 38.60 -8.71 -2.41
CA VAL B 83 37.38 -8.06 -1.93
C VAL B 83 37.31 -7.89 -0.41
N ARG B 84 36.63 -6.83 0.01
CA ARG B 84 36.42 -6.55 1.42
C ARG B 84 34.94 -6.18 1.57
N PRO B 85 34.18 -7.01 2.28
CA PRO B 85 32.74 -6.76 2.48
C PRO B 85 32.42 -5.30 2.83
N GLY B 86 31.47 -4.73 2.08
CA GLY B 86 31.08 -3.36 2.30
C GLY B 86 31.95 -2.33 1.61
N GLN B 87 32.92 -2.80 0.83
CA GLN B 87 33.84 -1.91 0.13
C GLN B 87 33.80 -2.09 -1.39
N LEU B 88 33.14 -1.17 -2.07
CA LEU B 88 33.02 -1.22 -3.53
C LEU B 88 34.36 -1.01 -4.21
N ASP B 89 34.55 -1.66 -5.35
CA ASP B 89 35.78 -1.51 -6.11
C ASP B 89 35.45 -1.63 -7.58
N ARG B 90 35.66 -0.54 -8.31
CA ARG B 90 35.39 -0.48 -9.74
C ARG B 90 36.17 -1.52 -10.54
N ALA B 91 37.29 -1.98 -10.00
CA ALA B 91 38.10 -2.98 -10.69
C ALA B 91 37.33 -4.28 -10.89
N ASN B 92 36.37 -4.56 -10.01
CA ASN B 92 35.59 -5.79 -10.12
C ASN B 92 34.25 -5.61 -10.84
N ALA B 93 34.07 -4.45 -11.46
CA ALA B 93 32.83 -4.18 -12.18
C ALA B 93 32.61 -5.13 -13.36
N ALA B 94 33.67 -5.36 -14.13
CA ALA B 94 33.58 -6.26 -15.29
C ALA B 94 33.26 -7.68 -14.84
N TYR B 95 33.77 -8.05 -13.67
CA TYR B 95 33.56 -9.37 -13.09
C TYR B 95 32.07 -9.60 -12.83
N VAL B 96 31.37 -8.57 -12.40
CA VAL B 96 29.95 -8.69 -12.13
C VAL B 96 29.18 -8.99 -13.42
N LEU B 97 29.38 -8.15 -14.44
CA LEU B 97 28.70 -8.35 -15.71
C LEU B 97 29.07 -9.66 -16.35
N GLU B 98 30.28 -10.16 -16.06
CA GLU B 98 30.73 -11.43 -16.61
C GLU B 98 29.83 -12.55 -16.06
N THR B 99 29.57 -12.52 -14.76
CA THR B 99 28.71 -13.53 -14.15
C THR B 99 27.31 -13.46 -14.75
N LEU B 100 26.81 -12.23 -14.93
CA LEU B 100 25.48 -12.03 -15.50
C LEU B 100 25.39 -12.56 -16.93
N THR B 101 26.43 -12.30 -17.73
CA THR B 101 26.46 -12.75 -19.12
C THR B 101 26.49 -14.28 -19.19
N ARG B 102 27.31 -14.89 -18.34
CA ARG B 102 27.42 -16.34 -18.31
C ARG B 102 26.07 -16.95 -17.95
N ALA B 103 25.43 -16.37 -16.95
CA ALA B 103 24.13 -16.84 -16.49
C ALA B 103 23.07 -16.68 -17.57
N GLY B 104 22.99 -15.48 -18.15
CA GLY B 104 22.01 -15.21 -19.20
C GLY B 104 22.19 -16.04 -20.46
N GLN B 105 23.41 -16.10 -20.97
CA GLN B 105 23.67 -16.87 -22.18
C GLN B 105 23.43 -18.36 -21.91
N GLY B 106 23.72 -18.78 -20.69
CA GLY B 106 23.50 -20.18 -20.32
C GLY B 106 22.03 -20.53 -20.48
N CYS B 107 21.16 -19.63 -20.03
CA CYS B 107 19.72 -19.85 -20.16
C CYS B 107 19.34 -19.87 -21.62
N LEU B 108 19.83 -18.88 -22.37
CA LEU B 108 19.54 -18.78 -23.78
C LEU B 108 19.97 -20.04 -24.53
N ASP B 109 21.05 -20.68 -24.08
CA ASP B 109 21.56 -21.87 -24.73
C ASP B 109 20.84 -23.15 -24.33
N GLY B 110 20.21 -23.14 -23.16
CA GLY B 110 19.48 -24.31 -22.71
C GLY B 110 20.21 -25.10 -21.63
N HIS B 111 21.39 -24.62 -21.24
CA HIS B 111 22.16 -25.30 -20.20
C HIS B 111 21.51 -24.98 -18.85
N PHE B 112 20.87 -23.81 -18.78
CA PHE B 112 20.19 -23.36 -17.57
C PHE B 112 18.72 -23.17 -17.87
N ALA B 113 17.86 -23.67 -16.99
CA ALA B 113 16.41 -23.55 -17.19
C ALA B 113 15.94 -22.16 -16.75
N GLY B 114 16.78 -21.48 -15.98
CA GLY B 114 16.44 -20.15 -15.51
C GLY B 114 17.55 -19.62 -14.61
N MSE B 115 17.47 -18.34 -14.27
CA MSE B 115 18.48 -17.72 -13.42
C MSE B 115 17.87 -16.88 -12.30
O MSE B 115 16.79 -16.29 -12.45
CB MSE B 115 19.41 -16.85 -14.28
CG MSE B 115 18.73 -15.65 -14.95
SE MSE B 115 19.89 -14.70 -16.20
CE MSE B 115 20.92 -13.66 -14.93
N ILE B 116 18.58 -16.84 -11.18
CA ILE B 116 18.17 -16.09 -10.00
C ILE B 116 19.30 -15.11 -9.69
N THR B 117 18.98 -13.82 -9.57
CA THR B 117 20.00 -12.81 -9.31
C THR B 117 19.95 -12.14 -7.95
N ALA B 118 21.12 -12.06 -7.32
CA ALA B 118 21.28 -11.39 -6.03
C ALA B 118 21.61 -9.95 -6.40
N PRO B 119 21.58 -9.01 -5.44
CA PRO B 119 21.87 -7.60 -5.67
C PRO B 119 23.16 -7.20 -6.38
N VAL B 120 23.06 -6.19 -7.22
CA VAL B 120 24.21 -5.65 -7.94
C VAL B 120 24.18 -4.15 -7.67
N HIS B 121 25.35 -3.51 -7.75
CA HIS B 121 25.43 -2.08 -7.50
C HIS B 121 25.68 -1.34 -8.80
N LYS B 122 24.66 -0.67 -9.30
CA LYS B 122 24.76 0.09 -10.55
C LYS B 122 25.84 1.16 -10.53
N GLY B 123 25.92 1.89 -9.43
CA GLY B 123 26.90 2.95 -9.32
C GLY B 123 28.36 2.60 -9.59
N VAL B 124 28.85 1.53 -8.97
CA VAL B 124 30.25 1.13 -9.17
C VAL B 124 30.54 0.66 -10.61
N ILE B 125 29.53 0.11 -11.28
CA ILE B 125 29.72 -0.35 -12.65
C ILE B 125 29.88 0.86 -13.57
N ASN B 126 29.07 1.90 -13.33
CA ASN B 126 29.16 3.11 -14.14
C ASN B 126 30.51 3.79 -13.91
N GLU B 127 31.02 3.70 -12.68
CA GLU B 127 32.30 4.30 -12.33
C GLU B 127 33.48 3.65 -13.07
N ALA B 128 33.31 2.39 -13.45
CA ALA B 128 34.35 1.67 -14.17
C ALA B 128 34.33 2.07 -15.64
N GLY B 129 33.34 2.89 -16.00
CA GLY B 129 33.20 3.33 -17.36
C GLY B 129 32.46 2.34 -18.23
N ILE B 130 31.71 1.45 -17.59
CA ILE B 130 30.95 0.43 -18.31
C ILE B 130 29.48 0.79 -18.49
N PRO B 131 29.01 0.86 -19.75
CA PRO B 131 27.61 1.19 -20.00
C PRO B 131 26.73 0.24 -19.20
N PHE B 132 25.93 0.78 -18.29
CA PHE B 132 25.06 -0.07 -17.48
C PHE B 132 23.86 0.70 -16.98
N SER B 133 22.73 0.54 -17.67
CA SER B 133 21.51 1.24 -17.29
C SER B 133 20.88 0.57 -16.08
N GLY B 134 21.22 -0.69 -15.85
CA GLY B 134 20.67 -1.41 -14.71
C GLY B 134 20.68 -2.91 -14.89
N HIS B 135 20.38 -3.61 -13.81
CA HIS B 135 20.34 -5.08 -13.77
C HIS B 135 19.44 -5.65 -14.86
N THR B 136 18.17 -5.21 -14.86
CA THR B 136 17.19 -5.68 -15.81
C THR B 136 17.46 -5.27 -17.27
N GLU B 137 17.89 -4.04 -17.48
CA GLU B 137 18.17 -3.55 -18.82
C GLU B 137 19.29 -4.38 -19.45
N PHE B 138 20.29 -4.74 -18.64
CA PHE B 138 21.43 -5.53 -19.10
C PHE B 138 20.96 -6.85 -19.68
N LEU B 139 20.14 -7.57 -18.92
CA LEU B 139 19.62 -8.87 -19.34
C LEU B 139 18.71 -8.74 -20.54
N ALA B 140 17.95 -7.65 -20.59
CA ALA B 140 17.05 -7.40 -21.71
C ALA B 140 17.89 -7.27 -22.98
N ASP B 141 18.95 -6.47 -22.92
CA ASP B 141 19.83 -6.28 -24.07
C ASP B 141 20.47 -7.61 -24.48
N LEU B 142 20.90 -8.39 -23.49
CA LEU B 142 21.53 -9.68 -23.75
C LEU B 142 20.58 -10.62 -24.47
N THR B 143 19.32 -10.64 -24.05
CA THR B 143 18.32 -11.53 -24.66
C THR B 143 17.63 -10.90 -25.87
N HIS B 144 18.04 -9.70 -26.24
CA HIS B 144 17.45 -9.00 -27.38
C HIS B 144 15.96 -8.74 -27.20
N THR B 145 15.58 -8.40 -25.97
CA THR B 145 14.18 -8.11 -25.64
C THR B 145 13.98 -6.61 -25.57
N ALA B 146 13.12 -6.09 -26.43
CA ALA B 146 12.83 -4.66 -26.48
C ALA B 146 11.98 -4.17 -25.31
N GLN B 147 11.02 -4.99 -24.88
CA GLN B 147 10.13 -4.59 -23.79
C GLN B 147 10.00 -5.64 -22.70
N VAL B 148 10.06 -5.18 -21.45
CA VAL B 148 9.92 -6.09 -20.31
C VAL B 148 8.95 -5.46 -19.31
N VAL B 149 8.41 -6.29 -18.43
CA VAL B 149 7.50 -5.82 -17.40
C VAL B 149 8.01 -6.31 -16.05
N MSE B 150 8.06 -5.42 -15.07
CA MSE B 150 8.53 -5.77 -13.73
C MSE B 150 7.37 -6.27 -12.90
O MSE B 150 6.37 -5.55 -12.69
CB MSE B 150 9.15 -4.55 -13.04
CG MSE B 150 9.74 -4.84 -11.67
SE MSE B 150 10.38 -3.25 -10.75
CE MSE B 150 11.66 -2.64 -12.07
N MSE B 151 7.45 -7.51 -12.43
CA MSE B 151 6.40 -8.05 -11.60
C MSE B 151 6.97 -8.49 -10.26
O MSE B 151 7.88 -9.32 -10.21
CB MSE B 151 5.71 -9.25 -12.26
CG MSE B 151 4.51 -9.75 -11.46
SE MSE B 151 3.68 -11.36 -12.15
CE MSE B 151 5.00 -12.61 -11.52
N LEU B 152 6.44 -7.93 -9.19
CA LEU B 152 6.88 -8.26 -7.84
C LEU B 152 5.93 -9.31 -7.29
N ALA B 153 6.45 -10.19 -6.46
CA ALA B 153 5.61 -11.24 -5.90
C ALA B 153 6.09 -11.70 -4.54
N THR B 154 5.14 -12.19 -3.75
CA THR B 154 5.39 -12.71 -2.43
C THR B 154 4.45 -13.89 -2.40
N ARG B 155 4.58 -14.76 -1.41
CA ARG B 155 3.70 -15.91 -1.35
C ARG B 155 2.24 -15.48 -1.36
N GLY B 156 1.51 -15.89 -2.39
CA GLY B 156 0.10 -15.57 -2.50
C GLY B 156 -0.28 -14.24 -3.10
N LEU B 157 0.66 -13.52 -3.68
CA LEU B 157 0.34 -12.21 -4.28
C LEU B 157 1.36 -11.76 -5.31
N ARG B 158 0.86 -11.41 -6.50
CA ARG B 158 1.69 -10.94 -7.59
C ARG B 158 1.24 -9.54 -7.99
N VAL B 159 2.19 -8.63 -8.12
CA VAL B 159 1.88 -7.26 -8.51
C VAL B 159 2.77 -6.74 -9.63
N ALA B 160 2.20 -6.61 -10.83
CA ALA B 160 2.95 -6.10 -11.97
C ALA B 160 2.85 -4.57 -11.92
N LEU B 161 3.85 -3.87 -12.46
CA LEU B 161 3.85 -2.41 -12.45
C LEU B 161 3.81 -1.78 -13.85
N ALA B 162 2.91 -0.81 -14.04
CA ALA B 162 2.79 -0.10 -15.31
C ALA B 162 3.98 0.85 -15.45
N THR B 163 4.43 1.41 -14.33
CA THR B 163 5.59 2.29 -14.30
C THR B 163 6.42 1.83 -13.12
N THR B 164 7.73 2.01 -13.18
CA THR B 164 8.56 1.54 -12.08
C THR B 164 9.33 2.62 -11.32
N HIS B 165 10.59 2.79 -11.68
CA HIS B 165 11.43 3.77 -11.01
C HIS B 165 11.39 5.13 -11.65
N LEU B 166 10.38 5.90 -11.24
CA LEU B 166 10.15 7.24 -11.74
C LEU B 166 9.75 8.14 -10.58
N PRO B 167 10.08 9.44 -10.68
CA PRO B 167 9.69 10.36 -9.61
C PRO B 167 8.16 10.30 -9.65
N LEU B 168 7.51 10.41 -8.50
CA LEU B 168 6.06 10.34 -8.45
C LEU B 168 5.41 11.34 -9.43
N ARG B 169 5.99 12.53 -9.57
CA ARG B 169 5.43 13.56 -10.44
C ARG B 169 5.41 13.20 -11.93
N GLU B 170 6.17 12.19 -12.32
CA GLU B 170 6.23 11.78 -13.72
C GLU B 170 5.26 10.63 -14.05
N VAL B 171 4.67 10.06 -13.00
CA VAL B 171 3.76 8.93 -13.19
C VAL B 171 2.52 9.20 -14.06
N ALA B 172 1.70 10.16 -13.65
CA ALA B 172 0.47 10.45 -14.39
C ALA B 172 0.61 10.54 -15.91
N ASP B 173 1.59 11.31 -16.40
CA ASP B 173 1.77 11.45 -17.84
C ASP B 173 2.35 10.20 -18.51
N ALA B 174 2.91 9.29 -17.72
CA ALA B 174 3.47 8.07 -18.28
C ALA B 174 2.38 7.03 -18.54
N ILE B 175 1.22 7.20 -17.92
CA ILE B 175 0.12 6.26 -18.12
C ILE B 175 -0.58 6.55 -19.45
N SER B 176 -0.21 5.79 -20.48
CA SER B 176 -0.81 5.97 -21.80
C SER B 176 -1.44 4.66 -22.24
N ASP B 177 -2.28 4.72 -23.27
CA ASP B 177 -2.93 3.53 -23.80
C ASP B 177 -1.84 2.56 -24.29
N GLU B 178 -0.86 3.11 -25.00
CA GLU B 178 0.25 2.31 -25.52
C GLU B 178 0.94 1.56 -24.40
N ARG B 179 1.28 2.28 -23.32
CA ARG B 179 1.98 1.66 -22.20
C ARG B 179 1.14 0.56 -21.53
N LEU B 180 -0.12 0.85 -21.25
CA LEU B 180 -0.99 -0.13 -20.62
C LEU B 180 -1.17 -1.35 -21.51
N THR B 181 -1.31 -1.11 -22.82
CA THR B 181 -1.48 -2.19 -23.78
C THR B 181 -0.25 -3.10 -23.75
N ARG B 182 0.94 -2.52 -23.86
CA ARG B 182 2.17 -3.31 -23.85
C ARG B 182 2.31 -4.12 -22.56
N VAL B 183 2.13 -3.45 -21.43
CA VAL B 183 2.26 -4.11 -20.13
C VAL B 183 1.25 -5.24 -19.95
N ALA B 184 -0.02 -4.96 -20.22
CA ALA B 184 -1.07 -5.96 -20.07
C ALA B 184 -0.84 -7.22 -20.92
N ARG B 185 -0.43 -7.03 -22.16
CA ARG B 185 -0.17 -8.16 -23.05
C ARG B 185 0.97 -9.03 -22.54
N ILE B 186 2.07 -8.40 -22.14
CA ILE B 186 3.21 -9.14 -21.64
C ILE B 186 2.84 -9.89 -20.36
N LEU B 187 2.14 -9.20 -19.45
CA LEU B 187 1.73 -9.80 -18.18
C LEU B 187 0.85 -11.03 -18.43
N HIS B 188 -0.10 -10.88 -19.34
CA HIS B 188 -1.01 -11.97 -19.66
C HIS B 188 -0.25 -13.14 -20.28
N ALA B 189 0.52 -12.84 -21.31
CA ALA B 189 1.30 -13.86 -22.03
C ALA B 189 2.22 -14.66 -21.11
N ASP B 190 2.90 -14.00 -20.18
CA ASP B 190 3.81 -14.68 -19.26
C ASP B 190 3.13 -15.43 -18.12
N LEU B 191 2.04 -14.90 -17.58
CA LEU B 191 1.35 -15.62 -16.51
C LEU B 191 0.86 -16.93 -17.12
N ARG B 192 0.49 -16.86 -18.40
CA ARG B 192 -0.01 -18.01 -19.12
C ARG B 192 1.11 -19.00 -19.43
N ASP B 193 2.17 -18.52 -20.07
CA ASP B 193 3.29 -19.37 -20.47
C ASP B 193 4.32 -19.74 -19.41
N LYS B 194 4.65 -18.81 -18.52
CA LYS B 194 5.65 -19.09 -17.50
C LYS B 194 5.09 -19.52 -16.15
N PHE B 195 3.79 -19.32 -15.93
CA PHE B 195 3.19 -19.72 -14.66
C PHE B 195 2.06 -20.73 -14.84
N GLY B 196 1.86 -21.15 -16.09
CA GLY B 196 0.84 -22.13 -16.40
C GLY B 196 -0.59 -21.71 -16.09
N ILE B 197 -0.91 -20.43 -16.28
CA ILE B 197 -2.25 -19.95 -16.01
C ILE B 197 -2.94 -19.65 -17.34
N ALA B 198 -3.81 -20.56 -17.76
CA ALA B 198 -4.53 -20.46 -19.02
C ALA B 198 -5.23 -19.13 -19.28
N HIS B 199 -6.03 -18.67 -18.32
CA HIS B 199 -6.76 -17.41 -18.48
C HIS B 199 -6.56 -16.55 -17.23
N PRO B 200 -5.41 -15.84 -17.17
CA PRO B 200 -5.09 -14.98 -16.03
C PRO B 200 -6.17 -13.94 -15.71
N ARG B 201 -6.57 -13.89 -14.46
CA ARG B 201 -7.55 -12.90 -14.02
C ARG B 201 -6.71 -11.81 -13.38
N ILE B 202 -6.63 -10.67 -14.06
CA ILE B 202 -5.82 -9.56 -13.62
C ILE B 202 -6.63 -8.36 -13.13
N LEU B 203 -6.47 -8.00 -11.85
CA LEU B 203 -7.17 -6.85 -11.29
C LEU B 203 -6.32 -5.61 -11.57
N VAL B 204 -6.94 -4.59 -12.16
CA VAL B 204 -6.20 -3.37 -12.49
C VAL B 204 -6.54 -2.15 -11.61
N CYS B 205 -5.50 -1.54 -11.04
CA CYS B 205 -5.66 -0.36 -10.20
C CYS B 205 -5.92 0.88 -11.05
N GLY B 206 -6.66 1.83 -10.49
CA GLY B 206 -6.87 3.08 -11.19
C GLY B 206 -5.62 3.89 -10.86
N LEU B 207 -5.38 4.99 -11.56
CA LEU B 207 -4.22 5.83 -11.30
C LEU B 207 -4.45 6.73 -10.08
N ASN B 208 -5.65 7.29 -10.01
CA ASN B 208 -6.06 8.19 -8.95
C ASN B 208 -6.77 7.48 -7.80
N PRO B 209 -6.78 8.09 -6.61
CA PRO B 209 -7.45 7.45 -5.48
C PRO B 209 -8.93 7.26 -5.85
N HIS B 210 -9.53 6.17 -5.36
CA HIS B 210 -10.93 5.87 -5.67
C HIS B 210 -11.09 5.68 -7.17
N ALA B 211 -9.96 5.39 -7.84
CA ALA B 211 -9.96 5.21 -9.30
C ALA B 211 -10.60 6.38 -10.02
N GLY B 212 -10.33 7.59 -9.54
CA GLY B 212 -10.87 8.78 -10.19
C GLY B 212 -12.27 9.17 -9.78
N GLU B 213 -12.91 8.32 -8.98
CA GLU B 213 -14.27 8.61 -8.49
C GLU B 213 -15.22 9.14 -9.56
N GLY B 214 -15.55 8.30 -10.54
CA GLY B 214 -16.46 8.72 -11.60
C GLY B 214 -15.98 9.96 -12.35
N GLY B 215 -14.68 10.18 -12.36
CA GLY B 215 -14.13 11.33 -13.06
C GLY B 215 -14.07 12.63 -12.26
N HIS B 216 -14.37 12.55 -10.96
CA HIS B 216 -14.36 13.73 -10.11
C HIS B 216 -13.09 13.88 -9.28
N LEU B 217 -12.13 12.98 -9.49
CA LEU B 217 -10.86 13.00 -8.77
C LEU B 217 -9.78 12.58 -9.77
N GLY B 218 -9.74 13.26 -10.91
CA GLY B 218 -8.78 12.94 -11.95
C GLY B 218 -9.53 12.44 -13.16
N ARG B 219 -8.97 12.65 -14.34
CA ARG B 219 -9.64 12.26 -15.59
C ARG B 219 -9.03 11.05 -16.30
N GLU B 220 -7.83 10.63 -15.89
CA GLU B 220 -7.14 9.51 -16.52
C GLU B 220 -7.93 8.21 -16.66
N GLU B 221 -8.71 7.84 -15.64
CA GLU B 221 -9.49 6.61 -15.75
C GLU B 221 -10.51 6.71 -16.87
N ILE B 222 -11.28 7.80 -16.88
CA ILE B 222 -12.29 8.00 -17.91
C ILE B 222 -11.71 8.18 -19.31
N GLU B 223 -10.69 9.03 -19.43
CA GLU B 223 -10.08 9.34 -20.72
C GLU B 223 -9.09 8.31 -21.28
N VAL B 224 -8.35 7.63 -20.40
CA VAL B 224 -7.34 6.69 -20.86
C VAL B 224 -7.50 5.23 -20.45
N ILE B 225 -7.43 4.98 -19.14
CA ILE B 225 -7.49 3.62 -18.65
C ILE B 225 -8.73 2.80 -19.02
N GLU B 226 -9.92 3.30 -18.71
CA GLU B 226 -11.15 2.58 -19.01
C GLU B 226 -11.30 2.21 -20.48
N PRO B 227 -11.09 3.16 -21.41
CA PRO B 227 -11.23 2.82 -22.83
C PRO B 227 -10.22 1.74 -23.23
N CYS B 228 -9.02 1.82 -22.68
CA CYS B 228 -7.97 0.84 -23.00
C CYS B 228 -8.36 -0.55 -22.52
N LEU B 229 -8.77 -0.65 -21.26
CA LEU B 229 -9.14 -1.95 -20.71
C LEU B 229 -10.32 -2.55 -21.46
N GLU B 230 -11.23 -1.70 -21.90
CA GLU B 230 -12.39 -2.17 -22.66
C GLU B 230 -11.96 -2.84 -23.95
N ARG B 231 -11.08 -2.19 -24.70
CA ARG B 231 -10.59 -2.76 -25.94
C ARG B 231 -9.85 -4.07 -25.69
N LEU B 232 -8.98 -4.07 -24.69
CA LEU B 232 -8.20 -5.27 -24.37
C LEU B 232 -9.09 -6.45 -24.00
N ARG B 233 -10.18 -6.20 -23.28
CA ARG B 233 -11.09 -7.28 -22.91
C ARG B 233 -11.67 -7.90 -24.17
N GLY B 234 -12.00 -7.04 -25.14
CA GLY B 234 -12.55 -7.52 -26.39
C GLY B 234 -11.55 -8.37 -27.14
N GLU B 235 -10.27 -8.17 -26.83
CA GLU B 235 -9.21 -8.93 -27.49
C GLU B 235 -8.87 -10.21 -26.72
N GLY B 236 -9.64 -10.49 -25.68
CA GLY B 236 -9.42 -11.71 -24.92
C GLY B 236 -8.80 -11.63 -23.54
N LEU B 237 -8.26 -10.48 -23.15
CA LEU B 237 -7.63 -10.36 -21.83
C LEU B 237 -8.66 -10.14 -20.72
N ASP B 238 -8.53 -10.89 -19.62
CA ASP B 238 -9.44 -10.75 -18.49
C ASP B 238 -8.91 -9.73 -17.50
N LEU B 239 -9.10 -8.46 -17.83
CA LEU B 239 -8.66 -7.34 -17.01
C LEU B 239 -9.86 -6.77 -16.29
N ILE B 240 -9.83 -6.80 -14.96
CA ILE B 240 -10.91 -6.30 -14.13
C ILE B 240 -10.55 -4.93 -13.56
N GLY B 241 -11.38 -3.92 -13.82
CA GLY B 241 -11.10 -2.59 -13.30
C GLY B 241 -11.34 -1.48 -14.30
N PRO B 242 -10.79 -0.28 -14.08
CA PRO B 242 -9.93 0.14 -12.96
C PRO B 242 -10.68 0.08 -11.63
N LEU B 243 -9.97 -0.36 -10.58
CA LEU B 243 -10.53 -0.45 -9.25
C LEU B 243 -9.72 0.42 -8.30
N PRO B 244 -10.34 0.95 -7.23
CA PRO B 244 -9.57 1.78 -6.32
C PRO B 244 -8.53 0.88 -5.66
N ALA B 245 -7.28 1.32 -5.63
CA ALA B 245 -6.20 0.53 -5.04
C ALA B 245 -6.48 0.06 -3.61
N ASP B 246 -7.03 0.93 -2.78
CA ASP B 246 -7.29 0.51 -1.40
C ASP B 246 -8.53 -0.38 -1.24
N THR B 247 -9.19 -0.69 -2.35
CA THR B 247 -10.35 -1.57 -2.33
C THR B 247 -9.87 -2.92 -2.84
N LEU B 248 -9.09 -2.85 -3.91
CA LEU B 248 -8.53 -4.02 -4.57
C LEU B 248 -7.62 -4.84 -3.66
N PHE B 249 -6.71 -4.17 -2.95
CA PHE B 249 -5.77 -4.84 -2.07
C PHE B 249 -6.35 -5.30 -0.74
N THR B 250 -7.29 -6.23 -0.82
CA THR B 250 -7.96 -6.78 0.36
C THR B 250 -8.13 -8.28 0.14
N PRO B 251 -8.06 -9.09 1.22
CA PRO B 251 -8.23 -10.53 1.08
C PRO B 251 -9.39 -10.93 0.18
N LYS B 252 -10.54 -10.32 0.41
CA LYS B 252 -11.75 -10.59 -0.36
C LYS B 252 -11.56 -10.50 -1.88
N HIS B 253 -11.09 -9.33 -2.35
CA HIS B 253 -10.88 -9.11 -3.78
C HIS B 253 -9.72 -9.88 -4.40
N LEU B 254 -8.68 -10.12 -3.61
CA LEU B 254 -7.51 -10.84 -4.11
C LEU B 254 -7.73 -12.34 -4.20
N GLU B 255 -8.81 -12.83 -3.59
CA GLU B 255 -9.10 -14.25 -3.58
C GLU B 255 -9.23 -14.84 -4.99
N HIS B 256 -9.88 -14.11 -5.88
CA HIS B 256 -10.04 -14.56 -7.25
C HIS B 256 -9.25 -13.63 -8.14
N CYS B 257 -7.93 -13.73 -8.05
CA CYS B 257 -7.03 -12.88 -8.80
C CYS B 257 -5.70 -13.61 -9.01
N ASP B 258 -5.16 -13.53 -10.22
CA ASP B 258 -3.89 -14.17 -10.51
C ASP B 258 -2.73 -13.19 -10.40
N ALA B 259 -3.07 -11.90 -10.50
CA ALA B 259 -2.09 -10.82 -10.38
C ALA B 259 -2.81 -9.49 -10.36
N VAL B 260 -2.16 -8.50 -9.77
CA VAL B 260 -2.71 -7.15 -9.70
C VAL B 260 -1.82 -6.26 -10.55
N LEU B 261 -2.42 -5.41 -11.37
CA LEU B 261 -1.64 -4.49 -12.18
C LEU B 261 -1.79 -3.11 -11.53
N ALA B 262 -0.71 -2.63 -10.92
CA ALA B 262 -0.70 -1.34 -10.26
C ALA B 262 -0.12 -0.30 -11.23
N MSE B 263 -0.53 0.95 -11.09
CA MSE B 263 -0.05 2.00 -11.98
C MSE B 263 1.34 2.51 -11.66
O MSE B 263 2.06 2.99 -12.53
CB MSE B 263 -1.03 3.19 -12.01
CG MSE B 263 -2.41 2.86 -12.62
SE MSE B 263 -2.30 2.22 -14.47
CE MSE B 263 -2.52 0.33 -14.14
N TYR B 264 1.75 2.39 -10.40
CA TYR B 264 3.09 2.86 -10.03
C TYR B 264 3.65 2.15 -8.81
N HIS B 265 4.96 2.27 -8.65
CA HIS B 265 5.72 1.64 -7.59
C HIS B 265 5.12 1.56 -6.17
N ASP B 266 4.92 2.71 -5.55
CA ASP B 266 4.39 2.73 -4.19
C ASP B 266 2.92 2.40 -4.03
N GLN B 267 2.21 2.23 -5.15
CA GLN B 267 0.80 1.89 -5.08
C GLN B 267 0.63 0.39 -4.82
N GLY B 268 1.63 -0.40 -5.21
CA GLY B 268 1.53 -1.84 -5.02
C GLY B 268 2.54 -2.54 -4.14
N LEU B 269 3.77 -2.01 -4.05
CA LEU B 269 4.81 -2.66 -3.26
C LEU B 269 4.62 -2.67 -1.73
N PRO B 270 4.05 -1.61 -1.15
CA PRO B 270 3.86 -1.62 0.31
C PRO B 270 3.05 -2.82 0.80
N VAL B 271 1.89 -3.07 0.18
CA VAL B 271 1.05 -4.21 0.59
C VAL B 271 1.80 -5.53 0.45
N LEU B 272 2.55 -5.65 -0.64
CA LEU B 272 3.31 -6.85 -0.92
C LEU B 272 4.40 -7.07 0.13
N LYS B 273 5.12 -6.01 0.47
CA LYS B 273 6.18 -6.11 1.48
C LYS B 273 5.58 -6.32 2.87
N TYR B 274 4.43 -5.72 3.14
CA TYR B 274 3.78 -5.88 4.43
C TYR B 274 3.43 -7.35 4.60
N LYS B 275 2.69 -7.88 3.63
CA LYS B 275 2.25 -9.26 3.65
C LYS B 275 3.42 -10.22 3.80
N GLY B 276 4.43 -10.08 2.95
CA GLY B 276 5.57 -10.98 3.01
C GLY B 276 6.66 -10.67 4.02
N PHE B 277 6.39 -9.81 5.00
CA PHE B 277 7.40 -9.49 6.00
C PHE B 277 8.70 -9.03 5.35
N GLY B 278 8.59 -8.25 4.27
CA GLY B 278 9.78 -7.74 3.61
C GLY B 278 10.38 -8.65 2.57
N ALA B 279 9.88 -9.89 2.48
CA ALA B 279 10.40 -10.84 1.51
C ALA B 279 9.63 -10.75 0.20
N ALA B 280 10.32 -10.43 -0.88
CA ALA B 280 9.68 -10.29 -2.19
C ALA B 280 10.59 -10.67 -3.35
N VAL B 281 10.02 -11.31 -4.35
CA VAL B 281 10.77 -11.71 -5.54
C VAL B 281 10.40 -10.80 -6.71
N ASN B 282 11.41 -10.39 -7.46
CA ASN B 282 11.21 -9.54 -8.62
C ASN B 282 11.34 -10.45 -9.84
N VAL B 283 10.31 -10.49 -10.67
CA VAL B 283 10.33 -11.33 -11.86
C VAL B 283 10.29 -10.45 -13.11
N THR B 284 11.24 -10.67 -14.01
CA THR B 284 11.28 -9.90 -15.24
C THR B 284 10.44 -10.61 -16.31
N LEU B 285 9.30 -10.02 -16.66
CA LEU B 285 8.42 -10.61 -17.65
C LEU B 285 8.76 -10.11 -19.05
N GLY B 286 8.47 -10.93 -20.06
CA GLY B 286 8.73 -10.54 -21.43
C GLY B 286 10.02 -11.04 -22.05
N LEU B 287 10.89 -11.67 -21.26
CA LEU B 287 12.16 -12.20 -21.76
C LEU B 287 11.96 -13.63 -22.26
N PRO B 288 12.84 -14.11 -23.15
CA PRO B 288 12.68 -15.47 -23.65
C PRO B 288 13.13 -16.48 -22.59
N ILE B 289 13.74 -15.97 -21.51
CA ILE B 289 14.21 -16.83 -20.43
C ILE B 289 13.57 -16.50 -19.09
N ILE B 290 13.77 -17.38 -18.12
CA ILE B 290 13.24 -17.21 -16.78
C ILE B 290 14.28 -16.55 -15.88
N ARG B 291 13.91 -15.43 -15.27
CA ARG B 291 14.81 -14.73 -14.38
C ARG B 291 14.06 -14.10 -13.23
N THR B 292 14.52 -14.38 -12.01
CA THR B 292 13.93 -13.81 -10.82
C THR B 292 15.04 -13.06 -10.09
N SER B 293 14.68 -12.30 -9.07
CA SER B 293 15.66 -11.52 -8.33
C SER B 293 15.06 -11.08 -7.01
N VAL B 294 15.93 -10.64 -6.10
CA VAL B 294 15.46 -10.15 -4.82
C VAL B 294 15.16 -8.69 -5.14
N ASP B 295 14.33 -8.04 -4.34
CA ASP B 295 14.01 -6.66 -4.62
C ASP B 295 14.86 -5.64 -3.86
N HIS B 296 15.59 -6.11 -2.85
CA HIS B 296 16.43 -5.21 -2.04
C HIS B 296 17.81 -4.94 -2.63
N GLY B 297 18.51 -3.96 -2.06
CA GLY B 297 19.82 -3.58 -2.53
C GLY B 297 20.96 -4.43 -2.00
N THR B 298 22.20 -3.99 -2.27
CA THR B 298 23.39 -4.71 -1.85
C THR B 298 23.67 -4.67 -0.34
N ALA B 299 23.10 -3.70 0.36
CA ALA B 299 23.28 -3.57 1.81
C ALA B 299 24.76 -3.69 2.21
N LEU B 300 25.61 -2.89 1.56
CA LEU B 300 27.04 -2.90 1.82
C LEU B 300 27.37 -2.88 3.31
N ASP B 301 26.68 -2.04 4.06
CA ASP B 301 26.92 -1.91 5.50
C ASP B 301 26.68 -3.18 6.32
N LEU B 302 25.89 -4.11 5.79
CA LEU B 302 25.59 -5.35 6.50
C LEU B 302 26.39 -6.54 5.98
N ALA B 303 27.18 -6.32 4.93
CA ALA B 303 27.98 -7.38 4.34
C ALA B 303 28.88 -8.10 5.36
N GLY B 304 28.89 -9.42 5.29
CA GLY B 304 29.70 -10.22 6.19
C GLY B 304 29.35 -10.13 7.67
N SER B 305 28.19 -9.57 7.99
CA SER B 305 27.79 -9.44 9.40
C SER B 305 26.77 -10.49 9.80
N GLY B 306 26.22 -11.21 8.82
CA GLY B 306 25.23 -12.24 9.10
C GLY B 306 23.89 -11.67 9.52
N ARG B 307 23.84 -10.38 9.81
CA ARG B 307 22.60 -9.72 10.21
C ARG B 307 21.73 -9.40 9.00
N ILE B 308 21.37 -10.43 8.23
CA ILE B 308 20.55 -10.25 7.04
C ILE B 308 19.39 -11.24 6.97
N ASP B 309 18.39 -10.92 6.15
CA ASP B 309 17.21 -11.77 5.97
C ASP B 309 17.27 -12.39 4.57
N SER B 310 17.32 -13.70 4.49
CA SER B 310 17.40 -14.40 3.20
C SER B 310 16.02 -14.74 2.61
N GLY B 311 14.97 -14.22 3.21
CA GLY B 311 13.63 -14.49 2.74
C GLY B 311 13.42 -14.19 1.27
N SER B 312 13.84 -12.99 0.84
CA SER B 312 13.68 -12.59 -0.55
C SER B 312 14.34 -13.56 -1.53
N LEU B 313 15.61 -13.86 -1.32
CA LEU B 313 16.33 -14.78 -2.20
C LEU B 313 15.68 -16.15 -2.17
N GLN B 314 15.18 -16.54 -1.00
CA GLN B 314 14.53 -17.84 -0.86
C GLN B 314 13.30 -17.88 -1.77
N VAL B 315 12.49 -16.84 -1.71
CA VAL B 315 11.28 -16.75 -2.52
C VAL B 315 11.67 -16.64 -3.99
N ALA B 316 12.77 -15.95 -4.26
CA ALA B 316 13.23 -15.78 -5.63
C ALA B 316 13.58 -17.13 -6.25
N LEU B 317 14.18 -18.01 -5.46
CA LEU B 317 14.55 -19.34 -5.93
C LEU B 317 13.33 -20.21 -6.22
N GLU B 318 12.40 -20.25 -5.28
CA GLU B 318 11.19 -21.05 -5.43
C GLU B 318 10.41 -20.65 -6.68
N THR B 319 10.21 -19.34 -6.83
CA THR B 319 9.48 -18.80 -7.98
C THR B 319 10.13 -19.24 -9.29
N ALA B 320 11.46 -19.23 -9.30
CA ALA B 320 12.20 -19.63 -10.50
C ALA B 320 11.98 -21.12 -10.79
N TYR B 321 12.04 -21.94 -9.75
CA TYR B 321 11.84 -23.38 -9.89
C TYR B 321 10.45 -23.67 -10.44
N GLN B 322 9.45 -23.03 -9.84
CA GLN B 322 8.05 -23.21 -10.24
C GLN B 322 7.82 -22.83 -11.70
N MSE B 323 8.33 -21.68 -12.10
CA MSE B 323 8.17 -21.21 -13.48
C MSE B 323 8.71 -22.21 -14.49
O MSE B 323 8.08 -22.49 -15.51
CB MSE B 323 8.87 -19.85 -13.66
CG MSE B 323 8.19 -18.72 -12.91
SE MSE B 323 9.24 -17.08 -12.85
CE MSE B 323 8.88 -16.46 -14.64
N ALA B 324 9.88 -22.77 -14.21
CA ALA B 324 10.50 -23.75 -15.09
C ALA B 324 9.58 -24.95 -15.25
N ALA B 325 9.02 -25.41 -14.14
CA ALA B 325 8.11 -26.54 -14.13
C ALA B 325 6.93 -26.28 -15.06
N SER B 326 6.26 -25.14 -14.86
CA SER B 326 5.12 -24.77 -15.69
C SER B 326 5.50 -24.71 -17.16
N ARG B 327 6.76 -24.55 -17.43
CA ARG B 327 7.39 -24.41 -18.75
C ARG B 327 7.82 -22.97 -19.03
N CYS B 328 9.18 -22.89 -19.31
CA CYS B 328 9.82 -21.62 -19.62
C CYS B 328 9.24 -21.00 -20.89
MG MG C . -10.48 7.22 0.32
MG MG D . 11.93 -0.62 -5.72
C1 EOH E . -9.88 7.85 3.03
C2 EOH E . -10.03 8.94 1.97
O EOH E . -9.91 6.58 2.39
C1 EOH F . -15.41 20.30 22.55
C2 EOH F . -15.98 21.65 22.97
O EOH F . -16.37 19.61 21.74
C1 EOH G . 14.04 0.20 -1.56
C2 EOH G . 12.71 0.04 -0.82
O EOH G . 14.46 1.56 -1.49
C1 EOH H . -13.06 1.35 0.81
C2 EOH H . -14.47 0.79 1.01
O EOH H . -13.11 2.78 0.78
C1 EOH I . -10.20 27.24 6.52
C2 EOH I . -10.45 28.40 7.48
O EOH I . -11.36 26.41 6.43
C1 EOH J . -39.57 9.56 5.51
C2 EOH J . -40.80 10.43 5.23
O EOH J . -39.27 8.78 4.37
C1 EOH K . 10.22 -2.88 -7.01
C2 EOH K . 11.42 -2.20 -7.66
O EOH K . 10.19 -2.57 -5.62
C1 EOH L . 8.71 3.87 -16.85
C2 EOH L . 7.50 4.80 -16.89
O EOH L . 8.61 3.04 -15.72
C1 EOH M . 23.84 -29.31 -22.08
C2 EOH M . 24.17 -30.07 -20.80
O EOH M . 22.63 -28.56 -21.91
C1 EOH N . -3.14 -12.21 -6.57
C2 EOH N . -3.62 -12.70 -5.19
O EOH N . -1.79 -12.62 -6.80
#